data_2ZMK
#
_entry.id   2ZMK
#
_cell.length_a   156.921
_cell.length_b   89.958
_cell.length_c   73.321
_cell.angle_alpha   90.00
_cell.angle_beta   90.00
_cell.angle_gamma   90.00
#
_symmetry.space_group_name_H-M   'P 21 21 2'
#
loop_
_entity.id
_entity.type
_entity.pdbx_description
1 polymer 'Basic agglutinin'
2 branched alpha-L-fucopyranose-(1-3)-2-acetamido-2-deoxy-beta-D-glucopyranose
3 branched alpha-L-fucopyranose-(1-3)-[2-acetamido-2-deoxy-beta-D-glucopyranose-(1-4)]2-acetamido-2-deoxy-beta-D-glucopyranose
4 branched 'alpha-D-galactopyranose-(1-4)-ethyl beta-D-galactopyranoside'
5 branched 2-acetamido-2-deoxy-beta-D-glucopyranose-(1-4)-2-acetamido-2-deoxy-beta-D-glucopyranose
6 non-polymer 'MANGANESE (II) ION'
7 non-polymer 'CALCIUM ION'
8 non-polymer 2-acetamido-2-deoxy-beta-D-glucopyranose
9 non-polymer beta-D-mannopyranose
10 water water
#
_entity_poly.entity_id   1
_entity_poly.type   'polypeptide(L)'
_entity_poly.pdbx_seq_one_letter_code
;KTISFNFNQFHQNEEQLKLQRDARISSNSVLELTKVVNGVPTWNSTGRALYAKPVQVWDSTTGNVASFETRFSFSIRQPF
PRPHPADGLVFFIAPPNTQTGEGGGYFGIYNPLSPYPFVAVEFDTFRNTWDPQIPHIGIDVNSVISTKTVPFTLDNGGIA
NVVIKYDASTKILHVVLVFPSLGTIYTIADIVDLKQVLPESVNVGFSAATGDPSGKQRNATETHDILSWSFSASLPGTNE
F
;
_entity_poly.pdbx_strand_id   A,B,C,D
#
# COMPACT_ATOMS: atom_id res chain seq x y z
N LYS A 1 -11.26 13.80 -11.11
CA LYS A 1 -11.71 14.91 -10.23
C LYS A 1 -10.53 15.52 -9.50
N THR A 2 -10.08 16.68 -9.99
CA THR A 2 -8.96 17.38 -9.37
C THR A 2 -9.34 18.83 -9.14
N ILE A 3 -9.29 19.25 -7.89
CA ILE A 3 -9.59 20.62 -7.53
C ILE A 3 -8.26 21.29 -7.23
N SER A 4 -8.21 22.61 -7.40
CA SER A 4 -6.96 23.32 -7.12
C SER A 4 -7.17 24.82 -7.16
N PHE A 5 -6.28 25.54 -6.49
CA PHE A 5 -6.31 26.99 -6.46
C PHE A 5 -4.93 27.51 -6.13
N ASN A 6 -4.72 28.79 -6.40
CA ASN A 6 -3.43 29.40 -6.15
C ASN A 6 -3.63 30.82 -5.72
N PHE A 7 -2.80 31.26 -4.78
CA PHE A 7 -2.84 32.62 -4.27
C PHE A 7 -1.40 33.05 -4.24
N ASN A 8 -1.01 33.90 -5.19
CA ASN A 8 0.36 34.38 -5.22
C ASN A 8 0.46 35.50 -4.21
N GLN A 9 -0.69 35.97 -3.76
CA GLN A 9 -0.77 37.02 -2.79
C GLN A 9 -2.23 37.07 -2.44
N PHE A 10 -2.59 37.77 -1.37
CA PHE A 10 -3.97 37.86 -0.96
C PHE A 10 -4.52 39.27 -1.12
N HIS A 11 -5.72 39.38 -1.68
CA HIS A 11 -6.35 40.69 -1.87
C HIS A 11 -7.37 40.92 -0.77
N GLN A 12 -7.77 42.17 -0.59
CA GLN A 12 -8.75 42.50 0.43
C GLN A 12 -10.10 41.94 -0.01
N ASN A 13 -10.73 41.23 0.92
CA ASN A 13 -11.99 40.54 0.69
C ASN A 13 -11.92 39.66 -0.56
N GLU A 14 -11.25 38.52 -0.41
CA GLU A 14 -11.14 37.58 -1.49
C GLU A 14 -12.47 36.83 -1.39
N GLU A 15 -13.09 36.54 -2.53
CA GLU A 15 -14.36 35.83 -2.48
C GLU A 15 -14.13 34.34 -2.24
N GLN A 16 -12.86 33.93 -2.33
CA GLN A 16 -12.48 32.54 -2.15
C GLN A 16 -12.01 32.21 -0.74
N LEU A 17 -11.81 33.23 0.09
CA LEU A 17 -11.37 33.00 1.46
C LEU A 17 -12.44 33.35 2.47
N LYS A 18 -12.47 32.60 3.56
CA LYS A 18 -13.42 32.82 4.64
C LYS A 18 -12.55 33.14 5.84
N LEU A 19 -12.58 34.39 6.30
CA LEU A 19 -11.77 34.77 7.43
C LEU A 19 -12.59 34.71 8.70
N GLN A 20 -11.99 34.28 9.80
CA GLN A 20 -12.70 34.18 11.06
C GLN A 20 -11.91 34.82 12.18
N ARG A 21 -12.63 35.42 13.13
CA ARG A 21 -12.01 36.08 14.27
C ARG A 21 -11.03 37.17 13.85
N ASP A 22 -9.85 37.18 14.44
CA ASP A 22 -8.84 38.20 14.15
C ASP A 22 -8.16 38.12 12.79
N ALA A 23 -8.42 37.08 12.01
CA ALA A 23 -7.80 36.97 10.69
C ALA A 23 -8.17 38.17 9.84
N ARG A 24 -7.19 38.67 9.09
CA ARG A 24 -7.39 39.84 8.25
C ARG A 24 -6.30 39.92 7.17
N ILE A 25 -6.64 40.55 6.06
CA ILE A 25 -5.69 40.71 4.96
C ILE A 25 -5.19 42.13 4.97
N SER A 26 -3.87 42.30 5.06
CA SER A 26 -3.28 43.63 5.08
C SER A 26 -3.31 44.32 3.72
N SER A 27 -2.78 45.54 3.68
CA SER A 27 -2.72 46.31 2.44
C SER A 27 -1.66 45.70 1.54
N ASN A 28 -0.60 45.19 2.16
CA ASN A 28 0.50 44.56 1.45
C ASN A 28 0.10 43.24 0.80
N SER A 29 -1.13 42.81 1.04
CA SER A 29 -1.56 41.56 0.44
C SER A 29 -1.16 40.32 1.22
N VAL A 30 -0.84 40.48 2.50
CA VAL A 30 -0.47 39.31 3.29
C VAL A 30 -1.63 38.92 4.20
N LEU A 31 -1.79 37.62 4.42
CA LEU A 31 -2.84 37.12 5.28
C LEU A 31 -2.33 37.10 6.70
N GLU A 32 -2.82 38.01 7.53
CA GLU A 32 -2.40 38.08 8.92
C GLU A 32 -3.41 37.32 9.77
N LEU A 33 -3.04 36.12 10.18
CA LEU A 33 -3.95 35.28 10.96
C LEU A 33 -4.26 35.88 12.32
N THR A 34 -3.25 36.43 12.98
CA THR A 34 -3.46 37.02 14.28
C THR A 34 -3.22 38.53 14.27
N LYS A 35 -3.83 39.21 15.24
CA LYS A 35 -3.76 40.65 15.37
C LYS A 35 -2.38 41.29 15.43
N VAL A 36 -2.23 42.37 14.68
CA VAL A 36 -0.99 43.13 14.66
C VAL A 36 -1.40 44.61 14.60
N VAL A 37 -1.10 45.36 15.65
CA VAL A 37 -1.46 46.79 15.70
C VAL A 37 -0.27 47.75 15.56
N ASN A 38 -0.34 48.58 14.52
CA ASN A 38 0.71 49.55 14.24
C ASN A 38 2.07 48.87 14.15
N GLY A 39 2.08 47.71 13.49
CA GLY A 39 3.32 46.97 13.33
C GLY A 39 3.73 46.14 14.54
N VAL A 40 2.84 46.01 15.52
CA VAL A 40 3.16 45.24 16.71
C VAL A 40 2.13 44.14 16.95
N PRO A 41 2.60 42.88 17.08
CA PRO A 41 1.69 41.76 17.33
C PRO A 41 1.13 41.83 18.73
N THR A 42 -0.16 41.57 18.86
CA THR A 42 -0.83 41.62 20.16
C THR A 42 -1.11 40.22 20.71
N TRP A 43 -1.33 40.13 22.01
CA TRP A 43 -1.62 38.84 22.65
C TRP A 43 -3.14 38.61 22.60
N ASN A 44 -3.60 37.53 23.22
CA ASN A 44 -5.03 37.21 23.26
C ASN A 44 -5.67 37.28 21.86
N SER A 45 -4.96 36.79 20.86
CA SER A 45 -5.47 36.81 19.50
C SER A 45 -5.60 35.43 18.86
N THR A 46 -6.66 35.26 18.08
CA THR A 46 -6.91 33.99 17.41
C THR A 46 -7.58 34.30 16.08
N GLY A 47 -7.15 33.61 15.03
CA GLY A 47 -7.73 33.82 13.72
C GLY A 47 -7.53 32.64 12.80
N ARG A 48 -8.46 32.45 11.88
CA ARG A 48 -8.42 31.36 10.93
C ARG A 48 -8.78 31.88 9.54
N ALA A 49 -8.38 31.13 8.53
CA ALA A 49 -8.66 31.47 7.15
C ALA A 49 -8.93 30.15 6.46
N LEU A 50 -10.15 29.96 5.96
CA LEU A 50 -10.50 28.72 5.27
C LEU A 50 -10.82 28.98 3.82
N TYR A 51 -10.52 28.02 2.96
CA TYR A 51 -10.85 28.16 1.55
C TYR A 51 -12.39 28.11 1.58
N ALA A 52 -13.03 29.06 0.92
CA ALA A 52 -14.50 29.15 0.93
C ALA A 52 -15.26 27.90 0.54
N LYS A 53 -14.82 27.21 -0.51
CA LYS A 53 -15.52 26.01 -0.95
C LYS A 53 -14.99 24.77 -0.25
N PRO A 54 -15.84 23.76 -0.08
CA PRO A 54 -15.41 22.51 0.57
C PRO A 54 -14.71 21.62 -0.46
N VAL A 55 -13.77 20.79 0.01
CA VAL A 55 -13.07 19.88 -0.89
C VAL A 55 -13.42 18.47 -0.47
N GLN A 56 -13.49 17.57 -1.44
CA GLN A 56 -13.82 16.19 -1.14
C GLN A 56 -12.55 15.37 -1.03
N VAL A 57 -12.21 14.91 0.18
CA VAL A 57 -11.01 14.12 0.36
C VAL A 57 -11.24 12.63 0.09
N TRP A 58 -12.47 12.17 0.24
CA TRP A 58 -12.77 10.78 -0.09
C TRP A 58 -14.24 10.57 -0.46
N ASP A 59 -14.50 9.51 -1.21
CA ASP A 59 -15.84 9.18 -1.66
C ASP A 59 -16.26 7.84 -1.08
N SER A 60 -17.40 7.82 -0.39
CA SER A 60 -17.92 6.61 0.23
C SER A 60 -18.47 5.60 -0.78
N THR A 61 -18.74 6.06 -1.99
CA THR A 61 -19.26 5.19 -3.04
C THR A 61 -18.16 4.27 -3.57
N THR A 62 -17.00 4.86 -3.87
CA THR A 62 -15.87 4.11 -4.39
C THR A 62 -14.88 3.67 -3.32
N GLY A 63 -14.87 4.39 -2.19
CA GLY A 63 -13.95 4.07 -1.11
C GLY A 63 -12.60 4.73 -1.32
N ASN A 64 -12.45 5.42 -2.45
CA ASN A 64 -11.22 6.11 -2.78
C ASN A 64 -10.96 7.37 -1.96
N VAL A 65 -9.70 7.58 -1.60
CA VAL A 65 -9.31 8.74 -0.83
C VAL A 65 -8.41 9.56 -1.74
N ALA A 66 -8.47 10.87 -1.59
CA ALA A 66 -7.70 11.77 -2.44
C ALA A 66 -6.27 11.98 -2.02
N SER A 67 -5.43 12.28 -2.99
CA SER A 67 -4.04 12.59 -2.73
C SER A 67 -4.02 14.10 -2.91
N PHE A 68 -3.17 14.79 -2.18
CA PHE A 68 -3.13 16.22 -2.34
C PHE A 68 -1.76 16.77 -2.02
N GLU A 69 -1.54 17.99 -2.46
CA GLU A 69 -0.30 18.69 -2.24
C GLU A 69 -0.67 20.14 -2.03
N THR A 70 -0.05 20.77 -1.05
CA THR A 70 -0.31 22.16 -0.79
C THR A 70 1.01 22.79 -0.43
N ARG A 71 1.23 24.00 -0.90
CA ARG A 71 2.45 24.73 -0.65
C ARG A 71 2.08 26.12 -0.22
N PHE A 72 2.81 26.64 0.76
CA PHE A 72 2.55 27.98 1.23
C PHE A 72 3.79 28.56 1.86
N SER A 73 3.78 29.88 2.03
CA SER A 73 4.89 30.55 2.64
C SER A 73 4.34 31.35 3.80
N PHE A 74 5.06 31.36 4.90
CA PHE A 74 4.59 32.11 6.04
C PHE A 74 5.78 32.80 6.64
N SER A 75 5.50 33.72 7.55
CA SER A 75 6.54 34.42 8.25
C SER A 75 6.06 34.60 9.67
N ILE A 76 6.97 34.39 10.61
CA ILE A 76 6.67 34.54 12.01
C ILE A 76 7.73 35.47 12.58
N ARG A 77 7.30 36.65 13.00
CA ARG A 77 8.22 37.61 13.57
C ARG A 77 7.97 37.63 15.06
N GLN A 78 9.03 37.47 15.83
CA GLN A 78 8.94 37.46 17.28
C GLN A 78 9.67 38.68 17.82
N PRO A 79 8.96 39.82 17.94
CA PRO A 79 9.52 41.08 18.44
C PRO A 79 10.06 40.98 19.85
N PHE A 80 9.35 40.23 20.69
CA PHE A 80 9.72 40.10 22.10
C PHE A 80 10.31 38.74 22.46
N PRO A 81 11.63 38.66 22.51
CA PRO A 81 12.34 37.41 22.84
C PRO A 81 11.94 36.81 24.18
N ARG A 82 11.77 37.66 25.18
CA ARG A 82 11.41 37.21 26.54
C ARG A 82 10.06 37.80 26.96
N PRO A 83 9.30 37.07 27.80
CA PRO A 83 9.65 35.76 28.37
C PRO A 83 9.52 34.60 27.39
N HIS A 84 8.54 34.69 26.49
CA HIS A 84 8.34 33.60 25.53
C HIS A 84 7.30 33.88 24.45
N PRO A 85 7.69 33.71 23.18
CA PRO A 85 6.70 33.96 22.11
C PRO A 85 5.64 32.85 22.12
N ALA A 86 4.48 33.12 21.54
CA ALA A 86 3.40 32.13 21.49
C ALA A 86 2.35 32.56 20.45
N ASP A 87 1.59 31.61 19.91
CA ASP A 87 1.68 30.19 20.21
C ASP A 87 2.13 29.38 18.99
N GLY A 88 1.84 29.90 17.79
CA GLY A 88 2.21 29.20 16.57
C GLY A 88 1.06 29.17 15.61
N LEU A 89 1.26 28.57 14.43
CA LEU A 89 0.23 28.47 13.43
C LEU A 89 0.12 27.05 12.90
N VAL A 90 -0.99 26.74 12.26
CA VAL A 90 -1.19 25.40 11.71
C VAL A 90 -1.94 25.43 10.39
N PHE A 91 -1.74 24.38 9.62
CA PHE A 91 -2.46 24.20 8.38
C PHE A 91 -3.39 23.08 8.83
N PHE A 92 -4.67 23.16 8.52
CA PHE A 92 -5.53 22.10 8.97
C PHE A 92 -6.66 21.75 8.03
N ILE A 93 -7.20 20.56 8.25
CA ILE A 93 -8.31 20.02 7.50
C ILE A 93 -9.33 19.67 8.58
N ALA A 94 -10.57 20.11 8.38
CA ALA A 94 -11.61 19.85 9.35
C ALA A 94 -12.95 19.77 8.65
N PRO A 95 -14.00 19.32 9.37
CA PRO A 95 -15.32 19.22 8.75
C PRO A 95 -15.75 20.61 8.34
N PRO A 96 -16.71 20.72 7.43
CA PRO A 96 -17.19 22.02 6.96
C PRO A 96 -17.93 22.81 8.04
N ASN A 97 -17.93 24.12 7.90
CA ASN A 97 -18.65 24.99 8.83
C ASN A 97 -18.32 24.85 10.31
N THR A 98 -17.04 24.76 10.66
CA THR A 98 -16.69 24.68 12.06
C THR A 98 -16.39 26.10 12.51
N GLN A 99 -16.42 26.35 13.81
CA GLN A 99 -16.15 27.68 14.31
C GLN A 99 -14.81 27.66 15.04
N THR A 100 -14.15 28.80 15.12
CA THR A 100 -12.87 28.90 15.79
C THR A 100 -12.93 28.25 17.17
N GLY A 101 -11.94 27.41 17.47
CA GLY A 101 -11.89 26.74 18.76
C GLY A 101 -11.15 27.58 19.76
N GLU A 102 -10.58 26.94 20.78
CA GLU A 102 -9.85 27.61 21.83
C GLU A 102 -8.51 28.17 21.31
N GLY A 103 -8.13 29.35 21.80
CA GLY A 103 -6.88 29.96 21.39
C GLY A 103 -5.69 29.36 22.11
N GLY A 104 -4.65 30.15 22.32
CA GLY A 104 -3.48 29.67 23.01
C GLY A 104 -2.84 28.45 22.35
N GLY A 105 -2.42 27.50 23.17
CA GLY A 105 -1.78 26.30 22.68
C GLY A 105 -2.67 25.41 21.84
N TYR A 106 -3.94 25.77 21.70
CA TYR A 106 -4.87 24.98 20.89
C TYR A 106 -5.01 25.55 19.48
N PHE A 107 -4.28 26.62 19.22
CA PHE A 107 -4.23 27.26 17.91
C PHE A 107 -5.56 27.69 17.31
N GLY A 108 -6.65 27.49 18.03
CA GLY A 108 -7.94 27.86 17.51
C GLY A 108 -8.58 26.73 16.73
N ILE A 109 -8.02 25.52 16.79
CA ILE A 109 -8.62 24.39 16.08
C ILE A 109 -9.20 23.34 17.01
N TYR A 110 -8.81 23.36 18.28
CA TYR A 110 -9.33 22.39 19.23
C TYR A 110 -10.39 23.03 20.11
N ASN A 111 -11.57 22.42 20.14
CA ASN A 111 -12.68 22.94 20.93
C ASN A 111 -13.03 21.94 22.04
N PRO A 112 -12.46 22.11 23.24
CA PRO A 112 -12.70 21.22 24.38
C PRO A 112 -14.17 20.92 24.64
N LEU A 113 -15.06 21.91 24.43
CA LEU A 113 -16.48 21.71 24.68
C LEU A 113 -17.26 20.96 23.59
N SER A 114 -16.92 21.19 22.32
CA SER A 114 -17.60 20.51 21.23
C SER A 114 -16.55 20.12 20.18
N PRO A 115 -15.65 19.19 20.55
CA PRO A 115 -14.58 18.75 19.65
C PRO A 115 -15.04 18.23 18.29
N TYR A 116 -14.30 18.61 17.26
CA TYR A 116 -14.58 18.14 15.92
C TYR A 116 -13.27 17.53 15.44
N PRO A 117 -13.34 16.49 14.60
CA PRO A 117 -12.11 15.87 14.11
C PRO A 117 -11.30 16.81 13.20
N PHE A 118 -10.00 16.55 13.11
CA PHE A 118 -9.14 17.36 12.28
C PHE A 118 -7.75 16.76 12.14
N VAL A 119 -7.11 17.07 11.02
CA VAL A 119 -5.74 16.65 10.78
C VAL A 119 -5.05 17.99 10.59
N ALA A 120 -3.92 18.20 11.26
CA ALA A 120 -3.24 19.46 11.14
C ALA A 120 -1.73 19.33 11.20
N VAL A 121 -1.05 20.29 10.58
CA VAL A 121 0.39 20.34 10.61
C VAL A 121 0.66 21.63 11.36
N GLU A 122 1.33 21.53 12.50
CA GLU A 122 1.59 22.70 13.31
C GLU A 122 3.03 23.15 13.32
N PHE A 123 3.19 24.44 13.53
CA PHE A 123 4.50 25.06 13.65
C PHE A 123 4.35 25.73 15.01
N ASP A 124 4.71 24.94 16.01
CA ASP A 124 4.59 25.28 17.41
C ASP A 124 5.74 26.09 17.96
N THR A 125 5.43 27.22 18.57
CA THR A 125 6.45 28.10 19.10
C THR A 125 6.48 28.24 20.63
N PHE A 126 5.45 27.75 21.31
CA PHE A 126 5.39 27.83 22.77
C PHE A 126 5.34 26.44 23.35
N ARG A 127 6.13 26.18 24.39
CA ARG A 127 6.12 24.85 24.97
C ARG A 127 5.08 24.62 26.06
N ASN A 128 4.00 23.94 25.71
CA ASN A 128 2.96 23.61 26.68
C ASN A 128 3.41 22.34 27.41
N THR A 129 2.62 21.90 28.38
CA THR A 129 2.97 20.71 29.14
C THR A 129 3.09 19.46 28.28
N TRP A 130 2.29 19.39 27.23
CA TRP A 130 2.29 18.23 26.32
C TRP A 130 3.29 18.33 25.17
N ASP A 131 4.10 19.39 25.19
CA ASP A 131 5.07 19.62 24.13
C ASP A 131 6.51 19.32 24.40
N PRO A 132 7.26 19.00 23.34
CA PRO A 132 8.69 18.71 23.42
C PRO A 132 9.32 20.08 23.17
N GLN A 133 10.64 20.15 23.06
CA GLN A 133 11.30 21.42 22.82
C GLN A 133 10.61 22.21 21.68
N ILE A 134 10.72 23.53 21.73
CA ILE A 134 10.16 24.37 20.68
C ILE A 134 11.28 25.24 20.10
N PRO A 135 11.11 25.71 18.87
CA PRO A 135 9.95 25.46 18.00
C PRO A 135 10.00 24.05 17.44
N HIS A 136 8.86 23.56 16.98
CA HIS A 136 8.85 22.24 16.37
C HIS A 136 7.70 22.09 15.39
N ILE A 137 7.88 21.22 14.42
CA ILE A 137 6.83 20.93 13.44
C ILE A 137 6.15 19.73 14.06
N GLY A 138 4.84 19.67 13.93
CA GLY A 138 4.14 18.54 14.50
C GLY A 138 3.00 18.10 13.62
N ILE A 139 2.69 16.80 13.66
CA ILE A 139 1.59 16.27 12.89
C ILE A 139 0.52 15.98 13.93
N ASP A 140 -0.62 16.63 13.79
CA ASP A 140 -1.73 16.48 14.73
C ASP A 140 -2.95 15.81 14.15
N VAL A 141 -3.48 14.83 14.88
CA VAL A 141 -4.67 14.12 14.46
C VAL A 141 -5.66 14.16 15.61
N ASN A 142 -6.72 14.93 15.45
CA ASN A 142 -7.76 15.08 16.47
C ASN A 142 -7.26 15.61 17.80
N SER A 143 -6.01 16.02 17.85
CA SER A 143 -5.46 16.52 19.09
C SER A 143 -4.21 17.32 18.86
N VAL A 144 -3.93 18.21 19.80
CA VAL A 144 -2.75 19.04 19.75
C VAL A 144 -1.53 18.27 20.27
N ILE A 145 -1.75 17.06 20.76
CA ILE A 145 -0.63 16.25 21.22
C ILE A 145 -0.17 15.49 19.98
N SER A 146 0.82 16.05 19.30
CA SER A 146 1.35 15.49 18.06
C SER A 146 1.72 14.02 18.08
N THR A 147 1.53 13.37 16.95
CA THR A 147 1.87 11.96 16.80
C THR A 147 3.37 11.91 16.52
N LYS A 148 3.84 12.87 15.75
CA LYS A 148 5.25 12.97 15.39
C LYS A 148 5.70 14.41 15.56
N THR A 149 6.95 14.60 15.93
CA THR A 149 7.48 15.93 16.16
C THR A 149 8.92 16.04 15.68
N VAL A 150 9.31 17.24 15.27
CA VAL A 150 10.68 17.48 14.86
C VAL A 150 10.99 18.95 15.14
N PRO A 151 12.13 19.20 15.80
CA PRO A 151 12.53 20.56 16.14
C PRO A 151 13.12 21.33 14.97
N PHE A 152 12.95 22.64 14.98
CA PHE A 152 13.50 23.47 13.93
C PHE A 152 13.82 24.85 14.50
N THR A 153 14.79 25.52 13.88
CA THR A 153 15.17 26.85 14.33
C THR A 153 14.48 27.86 13.43
N LEU A 154 13.70 28.73 14.04
CA LEU A 154 12.96 29.73 13.31
C LEU A 154 13.83 30.86 12.76
N ASP A 155 13.50 31.31 11.56
CA ASP A 155 14.19 32.43 10.97
C ASP A 155 13.29 33.61 11.32
N ASN A 156 13.58 34.25 12.45
CA ASN A 156 12.80 35.36 12.95
C ASN A 156 12.53 36.43 11.90
N GLY A 157 11.26 36.57 11.51
CA GLY A 157 10.89 37.56 10.52
C GLY A 157 11.18 37.13 9.10
N GLY A 158 11.95 36.06 8.94
CA GLY A 158 12.27 35.56 7.61
C GLY A 158 11.11 34.84 6.98
N ILE A 159 11.30 34.41 5.74
CA ILE A 159 10.27 33.69 5.00
C ILE A 159 10.49 32.19 5.11
N ALA A 160 9.40 31.44 5.27
CA ALA A 160 9.50 30.00 5.36
C ALA A 160 8.66 29.38 4.26
N ASN A 161 9.22 28.39 3.58
CA ASN A 161 8.51 27.70 2.51
C ASN A 161 8.10 26.33 3.03
N VAL A 162 6.84 25.98 2.82
CA VAL A 162 6.32 24.71 3.29
C VAL A 162 5.69 23.92 2.17
N VAL A 163 5.95 22.62 2.17
CA VAL A 163 5.36 21.73 1.20
C VAL A 163 4.75 20.60 2.00
N ILE A 164 3.46 20.39 1.83
CA ILE A 164 2.78 19.30 2.50
C ILE A 164 2.18 18.43 1.41
N LYS A 165 2.51 17.16 1.44
CA LYS A 165 2.02 16.25 0.43
C LYS A 165 1.40 15.04 1.08
N TYR A 166 0.28 14.59 0.54
CA TYR A 166 -0.37 13.41 1.08
C TYR A 166 -0.56 12.40 -0.04
N ASP A 167 -0.02 11.21 0.13
CA ASP A 167 -0.14 10.16 -0.87
C ASP A 167 -1.15 9.14 -0.37
N ALA A 168 -2.33 9.11 -0.98
CA ALA A 168 -3.38 8.19 -0.56
C ALA A 168 -3.00 6.72 -0.62
N SER A 169 -2.22 6.32 -1.62
CA SER A 169 -1.83 4.92 -1.73
C SER A 169 -0.98 4.41 -0.57
N THR A 170 -0.12 5.27 -0.04
CA THR A 170 0.74 4.87 1.06
C THR A 170 0.26 5.44 2.39
N LYS A 171 -0.66 6.40 2.32
CA LYS A 171 -1.20 7.06 3.49
C LYS A 171 -0.12 7.85 4.19
N ILE A 172 0.89 8.25 3.44
CA ILE A 172 1.97 9.04 4.02
C ILE A 172 1.72 10.53 3.88
N LEU A 173 1.83 11.24 4.98
CA LEU A 173 1.69 12.68 4.98
C LEU A 173 3.09 13.17 5.26
N HIS A 174 3.73 13.82 4.31
CA HIS A 174 5.05 14.33 4.55
C HIS A 174 5.13 15.84 4.35
N VAL A 175 5.76 16.50 5.31
CA VAL A 175 5.89 17.94 5.24
C VAL A 175 7.35 18.34 5.22
N VAL A 176 7.63 19.36 4.43
CA VAL A 176 8.96 19.90 4.28
C VAL A 176 8.93 21.36 4.63
N LEU A 177 9.87 21.78 5.45
CA LEU A 177 9.96 23.16 5.88
C LEU A 177 11.32 23.67 5.44
N VAL A 178 11.34 24.76 4.70
CA VAL A 178 12.60 25.34 4.25
C VAL A 178 12.66 26.83 4.52
N PHE A 179 13.79 27.26 5.07
CA PHE A 179 14.04 28.68 5.34
C PHE A 179 15.13 29.06 4.34
N PRO A 180 14.74 29.51 3.14
CA PRO A 180 15.71 29.89 2.11
C PRO A 180 16.86 30.82 2.54
N SER A 181 16.60 31.79 3.40
CA SER A 181 17.67 32.69 3.83
C SER A 181 18.75 31.96 4.62
N LEU A 182 18.38 30.89 5.31
CA LEU A 182 19.35 30.13 6.08
C LEU A 182 19.80 28.88 5.35
N GLY A 183 19.02 28.45 4.36
CA GLY A 183 19.35 27.25 3.61
C GLY A 183 19.05 25.99 4.41
N THR A 184 18.30 26.15 5.50
CA THR A 184 17.97 25.01 6.34
C THR A 184 16.74 24.26 5.86
N ILE A 185 16.79 22.94 6.00
CA ILE A 185 15.71 22.06 5.57
C ILE A 185 15.28 21.15 6.71
N TYR A 186 13.98 21.06 6.92
CA TYR A 186 13.43 20.23 7.97
C TYR A 186 12.37 19.36 7.35
N THR A 187 12.38 18.09 7.71
CA THR A 187 11.43 17.17 7.16
C THR A 187 10.80 16.27 8.22
N ILE A 188 9.54 15.91 7.99
CA ILE A 188 8.83 15.05 8.92
C ILE A 188 7.72 14.35 8.15
N ALA A 189 7.40 13.14 8.57
CA ALA A 189 6.36 12.39 7.88
C ALA A 189 5.71 11.40 8.82
N ASP A 190 4.49 11.00 8.51
CA ASP A 190 3.79 10.04 9.34
C ASP A 190 2.69 9.42 8.51
N ILE A 191 2.13 8.34 9.03
CA ILE A 191 1.05 7.64 8.37
C ILE A 191 -0.25 8.12 8.98
N VAL A 192 -1.16 8.58 8.13
CA VAL A 192 -2.45 9.10 8.57
C VAL A 192 -3.51 8.62 7.59
N ASP A 193 -4.54 7.98 8.12
CA ASP A 193 -5.61 7.49 7.26
C ASP A 193 -6.74 8.51 7.35
N LEU A 194 -6.82 9.39 6.36
CA LEU A 194 -7.85 10.44 6.32
C LEU A 194 -9.26 9.90 6.34
N LYS A 195 -9.45 8.74 5.72
CA LYS A 195 -10.76 8.13 5.65
C LYS A 195 -11.28 7.71 7.03
N GLN A 196 -10.36 7.43 7.95
CA GLN A 196 -10.75 7.03 9.30
C GLN A 196 -10.96 8.20 10.23
N VAL A 197 -10.47 9.37 9.85
CA VAL A 197 -10.56 10.54 10.71
C VAL A 197 -11.52 11.63 10.28
N LEU A 198 -11.61 11.87 8.97
CA LEU A 198 -12.44 12.94 8.47
C LEU A 198 -13.61 12.53 7.59
N PRO A 199 -14.61 13.41 7.47
CA PRO A 199 -15.80 13.12 6.65
C PRO A 199 -15.40 13.31 5.17
N GLU A 200 -16.26 12.88 4.26
CA GLU A 200 -15.96 12.99 2.83
C GLU A 200 -15.61 14.39 2.35
N SER A 201 -16.28 15.40 2.89
CA SER A 201 -16.01 16.79 2.51
C SER A 201 -15.43 17.56 3.68
N VAL A 202 -14.45 18.40 3.40
CA VAL A 202 -13.81 19.17 4.45
C VAL A 202 -13.47 20.59 4.00
N ASN A 203 -12.94 21.36 4.94
CA ASN A 203 -12.49 22.72 4.67
C ASN A 203 -11.00 22.65 4.91
N VAL A 204 -10.23 23.42 4.15
CA VAL A 204 -8.79 23.44 4.35
C VAL A 204 -8.43 24.88 4.66
N GLY A 205 -7.44 25.08 5.53
CA GLY A 205 -7.06 26.43 5.85
C GLY A 205 -5.97 26.53 6.90
N PHE A 206 -5.83 27.73 7.46
CA PHE A 206 -4.84 27.99 8.46
C PHE A 206 -5.49 28.54 9.71
N SER A 207 -4.77 28.45 10.82
CA SER A 207 -5.25 28.95 12.10
C SER A 207 -4.02 29.23 12.93
N ALA A 208 -4.09 30.28 13.74
CA ALA A 208 -2.97 30.65 14.59
C ALA A 208 -3.48 31.32 15.85
N ALA A 209 -2.61 31.46 16.83
CA ALA A 209 -3.01 32.09 18.08
C ALA A 209 -1.80 32.67 18.81
N THR A 210 -2.04 33.74 19.55
CA THR A 210 -0.99 34.36 20.32
C THR A 210 -1.25 34.06 21.78
N GLY A 211 -0.33 34.46 22.65
CA GLY A 211 -0.46 34.21 24.07
C GLY A 211 -1.82 34.38 24.68
N ASP A 212 -2.21 33.43 25.52
CA ASP A 212 -3.49 33.48 26.20
C ASP A 212 -3.36 34.38 27.45
N PRO A 213 -4.36 35.21 27.72
CA PRO A 213 -4.33 36.11 28.88
C PRO A 213 -4.02 35.40 30.21
N SER A 214 -4.52 34.18 30.36
CA SER A 214 -4.30 33.40 31.57
C SER A 214 -2.83 33.32 31.97
N GLY A 215 -1.95 33.46 30.99
CA GLY A 215 -0.52 33.40 31.27
C GLY A 215 -0.01 34.74 31.75
N LYS A 216 -0.89 35.73 31.68
CA LYS A 216 -0.59 37.10 32.11
C LYS A 216 0.76 37.60 31.61
N GLN A 217 1.00 37.39 30.32
CA GLN A 217 2.23 37.82 29.66
C GLN A 217 1.93 38.44 28.29
N ARG A 218 1.80 39.76 28.25
CA ARG A 218 1.51 40.46 27.01
C ARG A 218 2.59 40.27 25.93
N ASN A 219 3.79 39.87 26.36
CA ASN A 219 4.89 39.64 25.44
C ASN A 219 4.79 38.28 24.76
N ALA A 220 3.88 37.44 25.22
CA ALA A 220 3.69 36.11 24.63
C ALA A 220 2.93 36.27 23.33
N THR A 221 3.61 36.77 22.30
CA THR A 221 2.99 36.98 21.01
C THR A 221 4.02 37.02 19.89
N GLU A 222 3.53 36.99 18.66
CA GLU A 222 4.36 37.02 17.47
C GLU A 222 3.39 37.17 16.32
N THR A 223 3.89 37.33 15.10
CA THR A 223 2.99 37.45 13.99
C THR A 223 2.82 36.07 13.38
N HIS A 224 1.78 35.90 12.58
CA HIS A 224 1.51 34.64 11.91
C HIS A 224 0.97 35.00 10.53
N ASP A 225 1.88 35.42 9.65
CA ASP A 225 1.50 35.82 8.30
C ASP A 225 1.66 34.73 7.26
N ILE A 226 0.69 34.64 6.35
CA ILE A 226 0.74 33.69 5.26
C ILE A 226 0.93 34.56 4.03
N LEU A 227 2.05 34.37 3.33
CA LEU A 227 2.35 35.16 2.15
C LEU A 227 1.73 34.64 0.86
N SER A 228 1.66 33.33 0.71
CA SER A 228 1.08 32.74 -0.49
C SER A 228 0.57 31.34 -0.20
N TRP A 229 -0.28 30.80 -1.08
CA TRP A 229 -0.82 29.47 -0.83
C TRP A 229 -1.43 28.80 -2.06
N SER A 230 -0.95 27.60 -2.37
CA SER A 230 -1.50 26.87 -3.50
C SER A 230 -1.96 25.52 -2.98
N PHE A 231 -3.05 25.03 -3.56
CA PHE A 231 -3.62 23.76 -3.14
C PHE A 231 -4.12 22.97 -4.35
N SER A 232 -3.83 21.67 -4.33
CA SER A 232 -4.23 20.78 -5.40
C SER A 232 -4.66 19.43 -4.80
N ALA A 233 -5.89 19.01 -5.08
CA ALA A 233 -6.39 17.73 -4.57
C ALA A 233 -6.88 16.87 -5.73
N SER A 234 -6.54 15.59 -5.69
CA SER A 234 -6.90 14.65 -6.75
C SER A 234 -7.66 13.40 -6.25
N LEU A 235 -8.91 13.26 -6.70
CA LEU A 235 -9.73 12.11 -6.30
C LEU A 235 -10.09 11.29 -7.54
N PRO A 236 -9.49 10.10 -7.69
CA PRO A 236 -9.73 9.19 -8.82
C PRO A 236 -11.19 8.74 -9.01
N GLY A 237 -12.09 9.28 -8.21
CA GLY A 237 -13.49 8.90 -8.33
C GLY A 237 -14.31 9.20 -7.08
N LYS B 1 23.68 1.90 19.57
CA LYS B 1 24.88 2.26 18.79
C LYS B 1 24.50 3.14 17.60
N THR B 2 25.36 4.09 17.24
CA THR B 2 25.09 4.95 16.10
C THR B 2 26.36 5.38 15.37
N ILE B 3 26.43 5.02 14.09
CA ILE B 3 27.55 5.38 13.24
C ILE B 3 27.27 6.78 12.71
N SER B 4 28.31 7.48 12.28
CA SER B 4 28.15 8.84 11.75
C SER B 4 29.41 9.38 11.12
N PHE B 5 29.28 9.99 9.96
CA PHE B 5 30.43 10.58 9.29
C PHE B 5 30.01 11.80 8.50
N ASN B 6 30.97 12.65 8.22
CA ASN B 6 30.68 13.87 7.50
C ASN B 6 31.83 14.21 6.58
N PHE B 7 31.49 14.63 5.36
CA PHE B 7 32.46 15.02 4.36
C PHE B 7 32.07 16.41 3.89
N ASN B 8 32.69 17.43 4.48
CA ASN B 8 32.41 18.81 4.11
C ASN B 8 33.08 19.08 2.80
N GLN B 9 34.02 18.21 2.44
CA GLN B 9 34.78 18.34 1.21
C GLN B 9 35.42 16.98 0.94
N PHE B 10 36.02 16.82 -0.23
CA PHE B 10 36.67 15.57 -0.56
C PHE B 10 38.15 15.84 -0.85
N HIS B 11 39.02 15.16 -0.12
CA HIS B 11 40.46 15.33 -0.30
C HIS B 11 40.99 14.22 -1.18
N GLN B 12 41.82 14.59 -2.15
CA GLN B 12 42.40 13.60 -3.06
C GLN B 12 42.97 12.47 -2.19
N ASN B 13 42.93 11.25 -2.71
CA ASN B 13 43.39 10.10 -1.94
C ASN B 13 42.58 10.06 -0.63
N GLU B 14 41.26 9.96 -0.75
CA GLU B 14 40.38 9.93 0.42
C GLU B 14 40.39 8.53 1.04
N GLU B 15 40.99 8.41 2.20
CA GLU B 15 41.09 7.12 2.88
C GLU B 15 39.77 6.44 3.21
N GLN B 16 38.78 7.22 3.61
CA GLN B 16 37.49 6.64 3.98
C GLN B 16 36.52 6.40 2.84
N LEU B 17 37.03 6.41 1.61
CA LEU B 17 36.18 6.19 0.45
C LEU B 17 36.75 5.20 -0.53
N LYS B 18 35.86 4.37 -1.07
CA LYS B 18 36.20 3.40 -2.08
C LYS B 18 35.68 3.99 -3.37
N LEU B 19 36.57 4.39 -4.27
CA LEU B 19 36.10 4.89 -5.54
C LEU B 19 36.20 3.71 -6.51
N GLN B 20 35.23 3.60 -7.42
CA GLN B 20 35.22 2.51 -8.37
C GLN B 20 35.02 3.03 -9.77
N ARG B 21 35.63 2.35 -10.74
CA ARG B 21 35.53 2.74 -12.15
C ARG B 21 35.95 4.18 -12.41
N ASP B 22 35.14 4.93 -13.15
CA ASP B 22 35.46 6.32 -13.49
C ASP B 22 35.37 7.35 -12.37
N ALA B 23 34.93 6.94 -11.18
CA ALA B 23 34.80 7.86 -10.07
C ALA B 23 36.16 8.39 -9.61
N ARG B 24 36.25 9.70 -9.46
CA ARG B 24 37.47 10.32 -9.00
C ARG B 24 37.18 11.62 -8.29
N ILE B 25 38.19 12.15 -7.61
CA ILE B 25 38.08 13.39 -6.87
C ILE B 25 38.93 14.45 -7.55
N SER B 26 38.30 15.56 -7.93
CA SER B 26 39.02 16.64 -8.61
C SER B 26 39.93 17.42 -7.67
N SER B 27 40.62 18.41 -8.23
CA SER B 27 41.51 19.27 -7.46
C SER B 27 40.67 20.19 -6.60
N ASN B 28 39.52 20.61 -7.14
CA ASN B 28 38.59 21.48 -6.43
C ASN B 28 37.97 20.77 -5.24
N SER B 29 38.28 19.47 -5.11
CA SER B 29 37.80 18.62 -4.03
C SER B 29 36.37 18.08 -4.22
N VAL B 30 35.85 18.14 -5.44
CA VAL B 30 34.51 17.64 -5.71
C VAL B 30 34.61 16.18 -6.17
N LEU B 31 33.62 15.38 -5.79
CA LEU B 31 33.58 13.98 -6.17
C LEU B 31 32.90 13.86 -7.54
N GLU B 32 33.68 13.58 -8.57
CA GLU B 32 33.15 13.44 -9.92
C GLU B 32 32.90 11.97 -10.18
N LEU B 33 31.64 11.56 -10.08
CA LEU B 33 31.27 10.17 -10.28
C LEU B 33 31.58 9.68 -11.69
N THR B 34 31.28 10.51 -12.69
CA THR B 34 31.53 10.11 -14.06
C THR B 34 32.60 10.98 -14.71
N LYS B 35 33.20 10.42 -15.75
CA LYS B 35 34.29 11.07 -16.47
C LYS B 35 34.05 12.44 -17.10
N VAL B 36 34.94 13.36 -16.77
CA VAL B 36 34.93 14.70 -17.34
C VAL B 36 36.38 15.00 -17.72
N VAL B 37 36.60 15.41 -18.97
CA VAL B 37 37.96 15.73 -19.43
C VAL B 37 38.03 17.14 -20.01
N ASN B 38 39.00 17.91 -19.52
CA ASN B 38 39.19 19.28 -19.98
C ASN B 38 37.89 20.05 -19.82
N GLY B 39 37.14 19.74 -18.76
CA GLY B 39 35.89 20.44 -18.51
C GLY B 39 34.70 19.97 -19.33
N VAL B 40 34.83 18.83 -20.00
CA VAL B 40 33.74 18.29 -20.80
C VAL B 40 33.38 16.88 -20.38
N PRO B 41 32.09 16.64 -20.06
CA PRO B 41 31.65 15.31 -19.65
C PRO B 41 31.64 14.37 -20.84
N THR B 42 32.13 13.14 -20.62
CA THR B 42 32.20 12.15 -21.67
C THR B 42 31.11 11.09 -21.53
N TRP B 43 30.82 10.39 -22.62
CA TRP B 43 29.81 9.34 -22.61
C TRP B 43 30.47 8.02 -22.20
N ASN B 44 29.71 6.94 -22.24
CA ASN B 44 30.25 5.63 -21.90
C ASN B 44 31.03 5.65 -20.58
N SER B 45 30.50 6.36 -19.59
CA SER B 45 31.16 6.45 -18.29
C SER B 45 30.28 5.96 -17.13
N THR B 46 30.91 5.29 -16.17
CA THR B 46 30.22 4.79 -15.01
C THR B 46 31.17 4.86 -13.82
N GLY B 47 30.64 5.28 -12.67
CA GLY B 47 31.47 5.38 -11.49
C GLY B 47 30.66 5.33 -10.20
N ARG B 48 31.29 4.85 -9.15
CA ARG B 48 30.64 4.76 -7.85
C ARG B 48 31.61 5.22 -6.77
N ALA B 49 31.06 5.57 -5.63
CA ALA B 49 31.83 6.00 -4.48
C ALA B 49 31.11 5.45 -3.27
N LEU B 50 31.76 4.57 -2.52
CA LEU B 50 31.17 3.97 -1.34
C LEU B 50 31.94 4.37 -0.09
N TYR B 51 31.23 4.51 1.02
CA TYR B 51 31.88 4.82 2.28
C TYR B 51 32.68 3.53 2.52
N ALA B 52 33.96 3.67 2.84
CA ALA B 52 34.83 2.52 3.06
C ALA B 52 34.36 1.49 4.07
N LYS B 53 33.84 1.94 5.21
CA LYS B 53 33.39 0.99 6.21
C LYS B 53 31.92 0.62 6.07
N PRO B 54 31.57 -0.63 6.40
CA PRO B 54 30.17 -1.06 6.29
C PRO B 54 29.34 -0.53 7.46
N VAL B 55 28.06 -0.30 7.23
CA VAL B 55 27.16 0.20 8.27
C VAL B 55 26.13 -0.87 8.54
N GLN B 56 25.72 -0.99 9.79
CA GLN B 56 24.73 -1.99 10.15
C GLN B 56 23.36 -1.34 10.16
N VAL B 57 22.49 -1.74 9.22
CA VAL B 57 21.14 -1.18 9.18
C VAL B 57 20.18 -1.92 10.08
N TRP B 58 20.45 -3.19 10.35
CA TRP B 58 19.59 -3.94 11.27
C TRP B 58 20.33 -5.10 11.93
N ASP B 59 19.83 -5.49 13.10
CA ASP B 59 20.42 -6.57 13.88
C ASP B 59 19.45 -7.74 14.00
N SER B 60 19.89 -8.92 13.57
CA SER B 60 19.06 -10.13 13.61
C SER B 60 18.82 -10.65 15.03
N THR B 61 19.66 -10.22 15.97
CA THR B 61 19.52 -10.65 17.35
C THR B 61 18.31 -9.98 18.00
N THR B 62 18.22 -8.66 17.83
CA THR B 62 17.13 -7.89 18.41
C THR B 62 15.97 -7.68 17.45
N GLY B 63 16.25 -7.74 16.15
CA GLY B 63 15.20 -7.54 15.16
C GLY B 63 15.02 -6.07 14.83
N ASN B 64 15.77 -5.23 15.54
CA ASN B 64 15.71 -3.79 15.33
C ASN B 64 16.36 -3.33 14.05
N VAL B 65 15.73 -2.35 13.41
CA VAL B 65 16.23 -1.77 12.18
C VAL B 65 16.64 -0.34 12.50
N ALA B 66 17.67 0.14 11.83
CA ALA B 66 18.16 1.49 12.07
C ALA B 66 17.42 2.59 11.34
N SER B 67 17.43 3.77 11.95
CA SER B 67 16.85 4.95 11.34
C SER B 67 18.09 5.69 10.88
N PHE B 68 17.97 6.43 9.79
CA PHE B 68 19.13 7.17 9.32
C PHE B 68 18.73 8.42 8.58
N GLU B 69 19.70 9.30 8.42
CA GLU B 69 19.48 10.54 7.71
C GLU B 69 20.78 10.81 6.99
N THR B 70 20.69 11.22 5.74
CA THR B 70 21.87 11.55 4.98
C THR B 70 21.54 12.78 4.16
N ARG B 71 22.51 13.68 4.07
CA ARG B 71 22.34 14.91 3.32
C ARG B 71 23.55 15.06 2.41
N PHE B 72 23.30 15.52 1.19
CA PHE B 72 24.39 15.74 0.26
C PHE B 72 24.00 16.77 -0.75
N SER B 73 25.00 17.30 -1.45
CA SER B 73 24.76 18.29 -2.48
C SER B 73 25.41 17.77 -3.74
N PHE B 74 24.73 17.95 -4.86
CA PHE B 74 25.30 17.49 -6.11
C PHE B 74 25.03 18.56 -7.13
N SER B 75 25.67 18.39 -8.28
CA SER B 75 25.46 19.31 -9.37
C SER B 75 25.52 18.49 -10.64
N ILE B 76 24.60 18.77 -11.55
CA ILE B 76 24.54 18.08 -12.81
C ILE B 76 24.54 19.15 -13.87
N ARG B 77 25.62 19.19 -14.67
CA ARG B 77 25.72 20.16 -15.74
C ARG B 77 25.48 19.38 -17.02
N GLN B 78 24.58 19.91 -17.84
CA GLN B 78 24.24 19.30 -19.12
C GLN B 78 24.67 20.24 -20.24
N PRO B 79 25.92 20.12 -20.67
CA PRO B 79 26.48 20.97 -21.75
C PRO B 79 25.73 20.84 -23.07
N PHE B 80 25.32 19.63 -23.39
CA PHE B 80 24.64 19.34 -24.65
C PHE B 80 23.15 19.08 -24.52
N PRO B 81 22.33 20.11 -24.72
CA PRO B 81 20.88 19.90 -24.62
C PRO B 81 20.34 18.83 -25.56
N ARG B 82 20.64 18.96 -26.85
CA ARG B 82 20.19 17.98 -27.84
C ARG B 82 21.30 16.94 -28.03
N PRO B 83 20.94 15.67 -28.26
CA PRO B 83 19.58 15.13 -28.35
C PRO B 83 18.94 14.80 -26.99
N HIS B 84 19.76 14.39 -26.03
CA HIS B 84 19.25 14.01 -24.72
C HIS B 84 20.34 13.65 -23.71
N PRO B 85 20.44 14.42 -22.60
CA PRO B 85 21.46 14.11 -21.61
C PRO B 85 21.17 12.74 -20.96
N ALA B 86 22.18 12.14 -20.35
CA ALA B 86 22.01 10.83 -19.70
C ALA B 86 23.18 10.55 -18.78
N ASP B 87 23.00 9.70 -17.76
CA ASP B 87 21.74 9.04 -17.44
C ASP B 87 21.16 9.49 -16.10
N GLY B 88 22.04 9.93 -15.20
CA GLY B 88 21.58 10.38 -13.89
C GLY B 88 22.45 9.77 -12.81
N LEU B 89 22.15 10.09 -11.55
CA LEU B 89 22.93 9.57 -10.43
C LEU B 89 21.99 9.04 -9.35
N VAL B 90 22.52 8.21 -8.46
CA VAL B 90 21.72 7.66 -7.38
C VAL B 90 22.50 7.55 -6.09
N PHE B 91 21.76 7.55 -4.99
CA PHE B 91 22.34 7.34 -3.67
C PHE B 91 21.84 5.92 -3.46
N PHE B 92 22.69 5.02 -2.98
CA PHE B 92 22.21 3.67 -2.78
C PHE B 92 22.80 2.95 -1.58
N ILE B 93 22.11 1.89 -1.21
CA ILE B 93 22.49 1.02 -0.10
C ILE B 93 22.49 -0.37 -0.73
N ALA B 94 23.58 -1.10 -0.55
CA ALA B 94 23.69 -2.43 -1.13
C ALA B 94 24.56 -3.30 -0.24
N PRO B 95 24.60 -4.61 -0.50
CA PRO B 95 25.43 -5.50 0.32
C PRO B 95 26.88 -5.06 0.19
N PRO B 96 27.72 -5.46 1.15
CA PRO B 96 29.14 -5.09 1.12
C PRO B 96 29.89 -5.74 -0.05
N ASN B 97 30.98 -5.11 -0.47
CA ASN B 97 31.82 -5.64 -1.53
C ASN B 97 31.14 -5.98 -2.86
N THR B 98 30.29 -5.11 -3.37
CA THR B 98 29.66 -5.38 -4.65
C THR B 98 30.49 -4.66 -5.70
N GLN B 99 30.36 -5.07 -6.96
CA GLN B 99 31.12 -4.42 -8.01
C GLN B 99 30.19 -3.67 -8.94
N THR B 100 30.68 -2.57 -9.50
CA THR B 100 29.90 -1.75 -10.39
C THR B 100 29.07 -2.59 -11.36
N GLY B 101 27.78 -2.28 -11.44
CA GLY B 101 26.90 -3.01 -12.32
C GLY B 101 26.92 -2.41 -13.71
N GLU B 102 25.82 -2.61 -14.42
CA GLU B 102 25.68 -2.09 -15.78
C GLU B 102 25.52 -0.57 -15.79
N GLY B 103 26.10 0.08 -16.79
CA GLY B 103 26.00 1.52 -16.89
C GLY B 103 24.68 1.94 -17.52
N GLY B 104 24.69 3.07 -18.23
CA GLY B 104 23.48 3.56 -18.85
C GLY B 104 22.34 3.78 -17.86
N GLY B 105 21.13 3.40 -18.28
CA GLY B 105 19.96 3.55 -17.44
C GLY B 105 19.97 2.75 -16.15
N TYR B 106 20.99 1.92 -15.95
CA TYR B 106 21.07 1.13 -14.74
C TYR B 106 21.96 1.79 -13.69
N PHE B 107 22.47 2.97 -14.05
CA PHE B 107 23.29 3.77 -13.15
C PHE B 107 24.53 3.09 -12.55
N GLY B 108 24.77 1.85 -12.92
CA GLY B 108 25.93 1.15 -12.37
C GLY B 108 25.59 0.40 -11.09
N ILE B 109 24.31 0.29 -10.75
CA ILE B 109 23.92 -0.43 -9.54
C ILE B 109 23.17 -1.72 -9.84
N TYR B 110 22.65 -1.86 -11.05
CA TYR B 110 21.93 -3.06 -11.40
C TYR B 110 22.81 -3.96 -12.26
N ASN B 111 22.97 -5.21 -11.83
CA ASN B 111 23.78 -6.17 -12.56
C ASN B 111 22.90 -7.32 -13.07
N PRO B 112 22.40 -7.21 -14.30
CA PRO B 112 21.54 -8.22 -14.93
C PRO B 112 22.06 -9.65 -14.79
N LEU B 113 23.37 -9.81 -14.97
CA LEU B 113 24.00 -11.13 -14.84
C LEU B 113 23.84 -11.63 -13.41
N SER B 114 24.56 -11.02 -12.48
CA SER B 114 24.48 -11.40 -11.07
C SER B 114 23.92 -10.25 -10.23
N PRO B 115 22.58 -10.17 -10.14
CA PRO B 115 21.87 -9.14 -9.36
C PRO B 115 22.04 -9.24 -7.86
N TYR B 116 22.21 -8.09 -7.20
CA TYR B 116 22.33 -8.03 -5.76
C TYR B 116 21.25 -7.05 -5.29
N PRO B 117 20.68 -7.27 -4.11
CA PRO B 117 19.63 -6.37 -3.62
C PRO B 117 20.15 -4.96 -3.35
N PHE B 118 19.25 -3.99 -3.40
CA PHE B 118 19.63 -2.60 -3.14
C PHE B 118 18.42 -1.70 -3.03
N VAL B 119 18.59 -0.63 -2.26
CA VAL B 119 17.57 0.39 -2.10
C VAL B 119 18.29 1.63 -2.60
N ALA B 120 17.66 2.38 -3.50
CA ALA B 120 18.32 3.57 -4.02
C ALA B 120 17.36 4.71 -4.31
N VAL B 121 17.88 5.92 -4.27
CA VAL B 121 17.11 7.11 -4.58
C VAL B 121 17.80 7.63 -5.83
N GLU B 122 17.06 7.69 -6.92
CA GLU B 122 17.64 8.14 -8.18
C GLU B 122 17.19 9.51 -8.61
N PHE B 123 18.06 10.14 -9.38
CA PHE B 123 17.80 11.43 -9.96
C PHE B 123 18.05 11.10 -11.41
N ASP B 124 16.97 10.68 -12.06
CA ASP B 124 16.95 10.23 -13.43
C ASP B 124 16.81 11.33 -14.46
N THR B 125 17.73 11.35 -15.42
CA THR B 125 17.74 12.37 -16.46
C THR B 125 17.43 11.89 -17.88
N PHE B 126 17.44 10.59 -18.09
CA PHE B 126 17.17 10.04 -19.40
C PHE B 126 15.95 9.15 -19.36
N ARG B 127 15.04 9.30 -20.30
CA ARG B 127 13.84 8.48 -20.29
C ARG B 127 13.95 7.13 -20.98
N ASN B 128 14.11 6.08 -20.19
CA ASN B 128 14.18 4.73 -20.72
C ASN B 128 12.73 4.24 -20.94
N THR B 129 12.58 3.04 -21.49
CA THR B 129 11.23 2.51 -21.75
C THR B 129 10.40 2.37 -20.47
N TRP B 130 11.06 2.07 -19.36
CA TRP B 130 10.38 1.89 -18.07
C TRP B 130 10.20 3.17 -17.27
N ASP B 131 10.59 4.30 -17.86
CA ASP B 131 10.51 5.60 -17.18
C ASP B 131 9.40 6.52 -17.55
N PRO B 132 9.00 7.37 -16.60
CA PRO B 132 7.95 8.37 -16.81
C PRO B 132 8.76 9.59 -17.29
N GLN B 133 8.14 10.72 -17.53
CA GLN B 133 8.90 11.88 -17.99
C GLN B 133 10.13 12.11 -17.12
N ILE B 134 11.10 12.80 -17.68
CA ILE B 134 12.33 13.13 -16.97
C ILE B 134 12.55 14.64 -17.01
N PRO B 135 13.33 15.18 -16.08
CA PRO B 135 13.99 14.44 -14.99
C PRO B 135 12.98 14.05 -13.93
N HIS B 136 13.34 13.08 -13.10
CA HIS B 136 12.47 12.70 -12.02
C HIS B 136 13.25 12.07 -10.88
N ILE B 137 12.70 12.18 -9.67
CA ILE B 137 13.31 11.56 -8.51
C ILE B 137 12.58 10.23 -8.45
N GLY B 138 13.27 9.17 -8.07
CA GLY B 138 12.61 7.89 -7.98
C GLY B 138 13.13 7.09 -6.81
N ILE B 139 12.26 6.25 -6.26
CA ILE B 139 12.65 5.40 -5.16
C ILE B 139 12.74 4.00 -5.75
N ASP B 140 13.94 3.43 -5.70
CA ASP B 140 14.20 2.12 -6.27
C ASP B 140 14.48 1.03 -5.27
N VAL B 141 13.80 -0.09 -5.42
CA VAL B 141 14.00 -1.23 -4.54
C VAL B 141 14.29 -2.45 -5.43
N ASN B 142 15.54 -2.91 -5.41
CA ASN B 142 16.00 -4.06 -6.20
C ASN B 142 15.78 -3.91 -7.70
N SER B 143 15.44 -2.71 -8.13
CA SER B 143 15.20 -2.52 -9.54
C SER B 143 15.19 -1.04 -9.90
N VAL B 144 15.49 -0.76 -11.15
CA VAL B 144 15.51 0.59 -11.66
C VAL B 144 14.09 1.04 -12.02
N ILE B 145 13.12 0.13 -11.91
CA ILE B 145 11.74 0.50 -12.19
C ILE B 145 11.21 0.99 -10.84
N SER B 146 11.27 2.30 -10.64
CA SER B 146 10.85 2.94 -9.40
C SER B 146 9.48 2.56 -8.88
N THR B 147 9.36 2.54 -7.56
CA THR B 147 8.10 2.24 -6.90
C THR B 147 7.29 3.53 -6.91
N LYS B 148 7.98 4.64 -6.68
CA LYS B 148 7.36 5.96 -6.65
C LYS B 148 8.24 6.89 -7.49
N THR B 149 7.60 7.87 -8.12
CA THR B 149 8.29 8.82 -8.97
C THR B 149 7.69 10.21 -8.85
N VAL B 150 8.53 11.22 -9.04
CA VAL B 150 8.06 12.60 -9.02
C VAL B 150 8.97 13.41 -9.94
N PRO B 151 8.38 14.20 -10.84
CA PRO B 151 9.15 15.02 -11.76
C PRO B 151 9.74 16.27 -11.12
N PHE B 152 10.86 16.73 -11.65
CA PHE B 152 11.50 17.94 -11.16
C PHE B 152 12.26 18.61 -12.29
N THR B 153 12.41 19.92 -12.20
CA THR B 153 13.13 20.65 -13.22
C THR B 153 14.54 20.88 -12.70
N LEU B 154 15.51 20.42 -13.47
CA LEU B 154 16.90 20.55 -13.11
C LEU B 154 17.46 21.96 -13.23
N ASP B 155 18.30 22.33 -12.28
CA ASP B 155 18.95 23.62 -12.35
C ASP B 155 20.30 23.28 -12.98
N ASN B 156 20.36 23.39 -14.30
CA ASN B 156 21.55 23.07 -15.06
C ASN B 156 22.82 23.73 -14.51
N GLY B 157 23.73 22.89 -14.01
CA GLY B 157 24.96 23.41 -13.47
C GLY B 157 24.82 23.97 -12.07
N GLY B 158 23.59 24.16 -11.63
CA GLY B 158 23.34 24.70 -10.30
C GLY B 158 23.60 23.67 -9.22
N ILE B 159 23.48 24.09 -7.97
CA ILE B 159 23.68 23.20 -6.83
C ILE B 159 22.34 22.67 -6.33
N ALA B 160 22.31 21.39 -5.98
CA ALA B 160 21.09 20.78 -5.49
C ALA B 160 21.33 20.24 -4.10
N ASN B 161 20.40 20.50 -3.18
CA ASN B 161 20.53 19.99 -1.82
C ASN B 161 19.53 18.86 -1.65
N VAL B 162 20.02 17.76 -1.11
CA VAL B 162 19.18 16.59 -0.90
C VAL B 162 19.19 16.12 0.56
N VAL B 163 18.01 15.75 1.04
CA VAL B 163 17.88 15.24 2.38
C VAL B 163 17.12 13.94 2.25
N ILE B 164 17.71 12.85 2.72
CA ILE B 164 17.05 11.57 2.69
C ILE B 164 16.99 11.10 4.12
N LYS B 165 15.80 10.76 4.56
CA LYS B 165 15.59 10.34 5.93
C LYS B 165 14.80 9.04 5.96
N TYR B 166 15.19 8.13 6.83
CA TYR B 166 14.50 6.88 6.96
C TYR B 166 14.09 6.69 8.40
N ASP B 167 12.80 6.53 8.64
CA ASP B 167 12.29 6.34 9.99
C ASP B 167 11.91 4.88 10.16
N ALA B 168 12.70 4.14 10.93
CA ALA B 168 12.46 2.71 11.12
C ALA B 168 11.09 2.37 11.69
N SER B 169 10.59 3.20 12.60
CA SER B 169 9.31 2.93 13.22
C SER B 169 8.13 2.96 12.25
N THR B 170 8.19 3.84 11.26
CA THR B 170 7.12 3.95 10.28
C THR B 170 7.49 3.31 8.94
N LYS B 171 8.78 3.03 8.78
CA LYS B 171 9.30 2.45 7.55
C LYS B 171 9.18 3.43 6.39
N ILE B 172 9.11 4.71 6.71
CA ILE B 172 8.98 5.74 5.69
C ILE B 172 10.35 6.25 5.25
N LEU B 173 10.55 6.27 3.94
CA LEU B 173 11.78 6.78 3.37
C LEU B 173 11.31 8.04 2.67
N HIS B 174 11.73 9.20 3.17
CA HIS B 174 11.33 10.42 2.49
C HIS B 174 12.53 11.21 2.03
N VAL B 175 12.48 11.66 0.78
CA VAL B 175 13.56 12.45 0.24
C VAL B 175 13.07 13.83 -0.16
N VAL B 176 13.94 14.81 0.07
CA VAL B 176 13.64 16.18 -0.27
C VAL B 176 14.74 16.67 -1.18
N LEU B 177 14.34 17.33 -2.26
CA LEU B 177 15.28 17.88 -3.22
C LEU B 177 15.04 19.37 -3.29
N VAL B 178 16.09 20.15 -3.08
CA VAL B 178 15.95 21.61 -3.13
C VAL B 178 17.04 22.23 -4.01
N PHE B 179 16.62 23.14 -4.86
CA PHE B 179 17.52 23.89 -5.74
C PHE B 179 17.48 25.32 -5.19
N PRO B 180 18.37 25.64 -4.23
CA PRO B 180 18.39 26.98 -3.64
C PRO B 180 18.38 28.18 -4.60
N SER B 181 19.08 28.10 -5.73
CA SER B 181 19.08 29.20 -6.67
C SER B 181 17.70 29.47 -7.26
N LEU B 182 16.87 28.43 -7.37
CA LEU B 182 15.53 28.60 -7.92
C LEU B 182 14.48 28.66 -6.83
N GLY B 183 14.82 28.19 -5.64
CA GLY B 183 13.88 28.19 -4.53
C GLY B 183 12.85 27.09 -4.68
N THR B 184 13.12 26.16 -5.58
CA THR B 184 12.19 25.05 -5.80
C THR B 184 12.39 23.89 -4.86
N ILE B 185 11.29 23.28 -4.44
CA ILE B 185 11.31 22.18 -3.51
C ILE B 185 10.53 20.99 -4.08
N TYR B 186 11.13 19.82 -4.02
CA TYR B 186 10.49 18.62 -4.51
C TYR B 186 10.54 17.59 -3.40
N THR B 187 9.44 16.88 -3.22
CA THR B 187 9.39 15.89 -2.17
C THR B 187 8.77 14.59 -2.63
N ILE B 188 9.24 13.50 -2.05
CA ILE B 188 8.71 12.20 -2.40
C ILE B 188 8.96 11.26 -1.24
N ALA B 189 8.06 10.30 -1.03
CA ALA B 189 8.22 9.38 0.07
C ALA B 189 7.56 8.05 -0.26
N ASP B 190 8.00 7.00 0.41
CA ASP B 190 7.43 5.69 0.21
C ASP B 190 7.76 4.81 1.38
N ILE B 191 7.08 3.70 1.49
CA ILE B 191 7.30 2.75 2.56
C ILE B 191 8.24 1.67 2.04
N VAL B 192 9.32 1.46 2.77
CA VAL B 192 10.31 0.47 2.40
C VAL B 192 10.78 -0.23 3.66
N ASP B 193 10.70 -1.55 3.66
CA ASP B 193 11.14 -2.33 4.79
C ASP B 193 12.55 -2.82 4.49
N LEU B 194 13.54 -2.12 5.03
CA LEU B 194 14.95 -2.47 4.80
C LEU B 194 15.30 -3.87 5.26
N LYS B 195 14.66 -4.31 6.34
CA LYS B 195 14.92 -5.63 6.88
C LYS B 195 14.53 -6.74 5.91
N GLN B 196 13.56 -6.48 5.04
CA GLN B 196 13.11 -7.48 4.08
C GLN B 196 13.92 -7.46 2.79
N VAL B 197 14.68 -6.40 2.58
CA VAL B 197 15.42 -6.27 1.34
C VAL B 197 16.93 -6.40 1.44
N LEU B 198 17.50 -5.88 2.50
CA LEU B 198 18.95 -5.87 2.68
C LEU B 198 19.48 -6.68 3.85
N PRO B 199 20.75 -7.08 3.76
CA PRO B 199 21.40 -7.85 4.82
C PRO B 199 21.70 -6.90 5.99
N GLU B 200 22.06 -7.44 7.14
CA GLU B 200 22.35 -6.61 8.31
C GLU B 200 23.39 -5.52 8.10
N SER B 201 24.43 -5.83 7.32
CA SER B 201 25.47 -4.85 7.04
C SER B 201 25.46 -4.45 5.57
N VAL B 202 25.65 -3.16 5.31
CA VAL B 202 25.65 -2.69 3.94
C VAL B 202 26.68 -1.61 3.70
N ASN B 203 26.78 -1.19 2.45
CA ASN B 203 27.67 -0.11 2.05
C ASN B 203 26.73 0.99 1.59
N VAL B 204 27.09 2.24 1.83
CA VAL B 204 26.26 3.34 1.37
C VAL B 204 27.13 4.16 0.44
N GLY B 205 26.53 4.72 -0.60
CA GLY B 205 27.31 5.53 -1.53
C GLY B 205 26.52 6.08 -2.70
N PHE B 206 27.26 6.52 -3.71
CA PHE B 206 26.64 7.08 -4.90
C PHE B 206 27.10 6.34 -6.12
N SER B 207 26.33 6.45 -7.20
CA SER B 207 26.67 5.83 -8.45
C SER B 207 26.03 6.63 -9.55
N ALA B 208 26.70 6.76 -10.68
CA ALA B 208 26.15 7.52 -11.79
C ALA B 208 26.62 6.94 -13.12
N ALA B 209 26.00 7.37 -14.21
CA ALA B 209 26.39 6.86 -15.51
C ALA B 209 26.00 7.83 -16.61
N THR B 210 26.79 7.84 -17.66
CA THR B 210 26.51 8.70 -18.80
C THR B 210 26.05 7.79 -19.93
N GLY B 211 25.62 8.41 -21.04
CA GLY B 211 25.11 7.68 -22.18
C GLY B 211 25.85 6.41 -22.55
N ASP B 212 25.09 5.37 -22.85
CA ASP B 212 25.68 4.09 -23.25
C ASP B 212 26.00 4.15 -24.74
N PRO B 213 27.14 3.60 -25.16
CA PRO B 213 27.54 3.61 -26.58
C PRO B 213 26.46 3.05 -27.51
N SER B 214 25.74 2.04 -27.05
CA SER B 214 24.69 1.41 -27.87
C SER B 214 23.72 2.43 -28.44
N GLY B 215 23.60 3.57 -27.77
CA GLY B 215 22.70 4.61 -28.24
C GLY B 215 23.32 5.45 -29.35
N LYS B 216 24.60 5.23 -29.62
CA LYS B 216 25.30 5.96 -30.68
C LYS B 216 25.14 7.48 -30.55
N GLN B 217 25.22 7.99 -29.33
CA GLN B 217 25.06 9.43 -29.12
C GLN B 217 26.07 9.98 -28.11
N ARG B 218 27.19 10.47 -28.60
CA ARG B 218 28.24 11.01 -27.73
C ARG B 218 27.76 12.19 -26.90
N ASN B 219 26.68 12.82 -27.31
CA ASN B 219 26.11 13.97 -26.59
C ASN B 219 25.26 13.53 -25.39
N ALA B 220 24.98 12.24 -25.31
CA ALA B 220 24.20 11.71 -24.20
C ALA B 220 25.09 11.64 -22.97
N THR B 221 25.34 12.80 -22.38
CA THR B 221 26.19 12.86 -21.21
C THR B 221 25.95 14.13 -20.41
N GLU B 222 26.51 14.18 -19.21
CA GLU B 222 26.38 15.31 -18.31
C GLU B 222 27.34 14.99 -17.16
N THR B 223 27.51 15.93 -16.24
CA THR B 223 28.38 15.66 -15.11
C THR B 223 27.52 15.12 -13.98
N HIS B 224 28.17 14.51 -13.00
CA HIS B 224 27.49 13.96 -11.84
C HIS B 224 28.41 14.20 -10.67
N ASP B 225 28.47 15.45 -10.21
CA ASP B 225 29.35 15.80 -9.11
C ASP B 225 28.68 15.84 -7.75
N ILE B 226 29.37 15.33 -6.74
CA ILE B 226 28.88 15.36 -5.37
C ILE B 226 29.77 16.37 -4.65
N LEU B 227 29.17 17.46 -4.16
CA LEU B 227 29.95 18.49 -3.48
C LEU B 227 30.21 18.20 -2.00
N SER B 228 29.25 17.63 -1.31
CA SER B 228 29.41 17.32 0.11
C SER B 228 28.49 16.17 0.52
N TRP B 229 28.75 15.57 1.67
CA TRP B 229 27.95 14.45 2.09
C TRP B 229 28.09 14.10 3.57
N SER B 230 26.96 14.04 4.27
CA SER B 230 26.95 13.70 5.68
C SER B 230 25.99 12.53 5.86
N PHE B 231 26.28 11.65 6.80
CA PHE B 231 25.45 10.47 7.03
C PHE B 231 25.39 10.16 8.52
N SER B 232 24.23 9.73 8.97
CA SER B 232 24.04 9.41 10.35
C SER B 232 23.00 8.31 10.43
N ALA B 233 23.28 7.30 11.24
CA ALA B 233 22.38 6.17 11.40
C ALA B 233 22.35 5.75 12.87
N SER B 234 21.16 5.37 13.35
CA SER B 234 20.96 4.94 14.75
C SER B 234 20.32 3.57 14.90
N LEU B 235 21.11 2.58 15.31
CA LEU B 235 20.59 1.23 15.51
C LEU B 235 20.58 0.98 17.01
N PRO B 236 19.41 1.07 17.66
CA PRO B 236 19.30 0.84 19.11
C PRO B 236 19.55 -0.61 19.53
N GLY B 237 20.64 -0.82 20.25
CA GLY B 237 21.01 -2.15 20.70
C GLY B 237 21.86 -2.91 19.69
N LYS C 1 -8.54 3.15 -18.40
CA LYS C 1 -9.36 2.44 -19.41
C LYS C 1 -9.64 1.00 -19.01
N THR C 2 -10.87 0.55 -19.25
CA THR C 2 -11.24 -0.81 -18.91
C THR C 2 -11.34 -1.68 -20.14
N ILE C 3 -11.10 -2.98 -19.97
CA ILE C 3 -11.22 -3.93 -21.07
C ILE C 3 -11.75 -5.22 -20.45
N SER C 4 -12.39 -6.05 -21.26
CA SER C 4 -12.93 -7.31 -20.77
C SER C 4 -13.40 -8.18 -21.93
N PHE C 5 -13.46 -9.47 -21.70
CA PHE C 5 -13.90 -10.40 -22.71
C PHE C 5 -14.38 -11.63 -21.98
N ASN C 6 -15.41 -12.27 -22.52
CA ASN C 6 -15.97 -13.44 -21.90
C ASN C 6 -16.14 -14.58 -22.90
N PHE C 7 -15.89 -15.80 -22.45
CA PHE C 7 -16.01 -17.00 -23.27
C PHE C 7 -16.89 -17.99 -22.52
N ASN C 8 -18.17 -18.08 -22.89
CA ASN C 8 -19.05 -19.02 -22.21
C ASN C 8 -18.73 -20.40 -22.74
N GLN C 9 -18.38 -20.46 -24.01
CA GLN C 9 -18.00 -21.69 -24.68
C GLN C 9 -16.97 -21.34 -25.74
N PHE C 10 -16.32 -22.35 -26.31
CA PHE C 10 -15.34 -22.09 -27.34
C PHE C 10 -15.77 -22.74 -28.65
N HIS C 11 -16.01 -21.91 -29.67
CA HIS C 11 -16.42 -22.41 -30.97
C HIS C 11 -15.18 -22.47 -31.83
N GLN C 12 -15.00 -23.55 -32.58
CA GLN C 12 -13.83 -23.67 -33.41
C GLN C 12 -13.76 -22.42 -34.29
N ASN C 13 -12.55 -22.11 -34.76
CA ASN C 13 -12.34 -20.94 -35.60
C ASN C 13 -12.75 -19.65 -34.88
N GLU C 14 -12.37 -19.57 -33.60
CA GLU C 14 -12.67 -18.38 -32.79
C GLU C 14 -11.59 -17.35 -33.11
N GLU C 15 -12.00 -16.20 -33.61
CA GLU C 15 -11.06 -15.14 -33.98
C GLU C 15 -10.46 -14.42 -32.78
N GLN C 16 -10.72 -14.95 -31.58
CA GLN C 16 -10.22 -14.34 -30.35
C GLN C 16 -9.07 -15.14 -29.74
N LEU C 17 -9.03 -16.45 -30.03
CA LEU C 17 -7.98 -17.30 -29.49
C LEU C 17 -6.86 -17.60 -30.46
N LYS C 18 -5.70 -17.89 -29.88
CA LYS C 18 -4.51 -18.23 -30.62
C LYS C 18 -4.02 -19.52 -29.96
N LEU C 19 -4.25 -20.63 -30.64
CA LEU C 19 -3.87 -21.93 -30.11
C LEU C 19 -2.48 -22.31 -30.56
N GLN C 20 -1.73 -22.97 -29.67
CA GLN C 20 -0.37 -23.38 -30.01
C GLN C 20 -0.14 -24.84 -29.67
N ARG C 21 0.69 -25.49 -30.47
CA ARG C 21 1.02 -26.91 -30.29
C ARG C 21 -0.24 -27.79 -30.26
N ASP C 22 -0.33 -28.68 -29.28
CA ASP C 22 -1.46 -29.60 -29.17
C ASP C 22 -2.82 -29.00 -28.78
N ALA C 23 -2.88 -27.69 -28.54
CA ALA C 23 -4.15 -27.05 -28.17
C ALA C 23 -5.18 -27.31 -29.26
N ARG C 24 -6.38 -27.70 -28.83
CA ARG C 24 -7.45 -28.06 -29.77
C ARG C 24 -8.84 -27.81 -29.17
N ILE C 25 -9.73 -27.18 -29.94
CA ILE C 25 -11.10 -26.97 -29.45
C ILE C 25 -11.95 -28.14 -29.96
N SER C 26 -12.57 -28.87 -29.04
CA SER C 26 -13.39 -30.02 -29.42
C SER C 26 -14.72 -29.61 -30.03
N SER C 27 -15.51 -30.61 -30.40
CA SER C 27 -16.83 -30.39 -31.00
C SER C 27 -17.75 -29.90 -29.90
N ASN C 28 -17.55 -30.41 -28.70
CA ASN C 28 -18.35 -30.04 -27.53
C ASN C 28 -18.13 -28.60 -27.09
N SER C 29 -17.18 -27.90 -27.71
CA SER C 29 -16.90 -26.52 -27.35
C SER C 29 -15.98 -26.38 -26.14
N VAL C 30 -15.19 -27.42 -25.86
CA VAL C 30 -14.26 -27.31 -24.74
C VAL C 30 -12.85 -27.12 -25.30
N LEU C 31 -12.06 -26.33 -24.58
CA LEU C 31 -10.69 -26.07 -24.97
C LEU C 31 -9.80 -27.16 -24.39
N GLU C 32 -9.31 -28.04 -25.25
CA GLU C 32 -8.46 -29.12 -24.81
C GLU C 32 -7.00 -28.71 -25.00
N LEU C 33 -6.36 -28.32 -23.92
CA LEU C 33 -4.98 -27.87 -23.98
C LEU C 33 -4.04 -28.97 -24.44
N THR C 34 -4.21 -30.19 -23.92
CA THR C 34 -3.36 -31.29 -24.31
C THR C 34 -4.11 -32.36 -25.11
N LYS C 35 -3.36 -33.09 -25.93
CA LYS C 35 -3.91 -34.12 -26.82
C LYS C 35 -4.64 -35.30 -26.18
N VAL C 36 -5.88 -35.51 -26.60
CA VAL C 36 -6.69 -36.62 -26.12
C VAL C 36 -7.28 -37.33 -27.34
N VAL C 37 -6.75 -38.52 -27.64
CA VAL C 37 -7.19 -39.29 -28.80
C VAL C 37 -8.12 -40.44 -28.43
N ASN C 38 -9.29 -40.46 -29.06
CA ASN C 38 -10.28 -41.50 -28.81
C ASN C 38 -10.65 -41.49 -27.33
N GLY C 39 -11.04 -40.32 -26.84
CA GLY C 39 -11.43 -40.20 -25.44
C GLY C 39 -10.33 -40.59 -24.46
N VAL C 40 -9.11 -40.70 -24.95
CA VAL C 40 -7.99 -41.07 -24.08
C VAL C 40 -6.86 -40.04 -24.15
N PRO C 41 -6.44 -39.51 -22.99
CA PRO C 41 -5.37 -38.52 -22.95
C PRO C 41 -4.03 -39.18 -23.24
N THR C 42 -3.24 -38.53 -24.08
CA THR C 42 -1.94 -39.05 -24.46
C THR C 42 -0.79 -38.34 -23.74
N TRP C 43 0.37 -39.00 -23.69
CA TRP C 43 1.53 -38.42 -23.03
C TRP C 43 2.30 -37.58 -24.05
N ASN C 44 3.46 -37.05 -23.65
CA ASN C 44 4.28 -36.25 -24.54
C ASN C 44 3.47 -35.16 -25.24
N SER C 45 2.57 -34.52 -24.51
CA SER C 45 1.75 -33.47 -25.10
C SER C 45 1.90 -32.11 -24.39
N THR C 46 1.88 -31.05 -25.19
CA THR C 46 1.98 -29.70 -24.66
C THR C 46 1.13 -28.79 -25.52
N GLY C 47 0.42 -27.86 -24.88
CA GLY C 47 -0.42 -26.95 -25.64
C GLY C 47 -0.75 -25.70 -24.86
N ARG C 48 -0.95 -24.60 -25.58
CA ARG C 48 -1.27 -23.33 -24.97
C ARG C 48 -2.39 -22.65 -25.74
N ALA C 49 -3.05 -21.71 -25.07
CA ALA C 49 -4.13 -20.95 -25.66
C ALA C 49 -3.99 -19.54 -25.13
N LEU C 50 -3.75 -18.58 -26.01
CA LEU C 50 -3.59 -17.19 -25.60
C LEU C 50 -4.70 -16.35 -26.18
N TYR C 51 -5.09 -15.31 -25.45
CA TYR C 51 -6.10 -14.39 -25.96
C TYR C 51 -5.34 -13.70 -27.10
N ALA C 52 -5.94 -13.64 -28.27
CA ALA C 52 -5.31 -13.05 -29.45
C ALA C 52 -4.73 -11.64 -29.29
N LYS C 53 -5.49 -10.76 -28.65
CA LYS C 53 -5.07 -9.38 -28.47
C LYS C 53 -4.25 -9.18 -27.19
N PRO C 54 -3.21 -8.34 -27.23
CA PRO C 54 -2.39 -8.10 -26.04
C PRO C 54 -3.13 -7.18 -25.06
N VAL C 55 -2.85 -7.35 -23.78
CA VAL C 55 -3.47 -6.51 -22.76
C VAL C 55 -2.38 -5.68 -22.09
N GLN C 56 -2.73 -4.45 -21.71
CA GLN C 56 -1.76 -3.59 -21.06
C GLN C 56 -1.94 -3.68 -19.56
N VAL C 57 -0.97 -4.27 -18.86
CA VAL C 57 -1.06 -4.39 -17.41
C VAL C 57 -0.54 -3.14 -16.70
N TRP C 58 0.37 -2.40 -17.32
CA TRP C 58 0.83 -1.16 -16.71
C TRP C 58 1.30 -0.15 -17.75
N ASP C 59 1.29 1.12 -17.37
CA ASP C 59 1.70 2.21 -18.25
C ASP C 59 2.91 2.92 -17.68
N SER C 60 3.99 2.98 -18.46
CA SER C 60 5.23 3.63 -18.02
C SER C 60 5.11 5.14 -17.91
N THR C 61 4.11 5.72 -18.58
CA THR C 61 3.92 7.15 -18.55
C THR C 61 3.39 7.60 -17.19
N THR C 62 2.37 6.90 -16.70
CA THR C 62 1.75 7.22 -15.43
C THR C 62 2.31 6.40 -14.26
N GLY C 63 2.86 5.23 -14.57
CA GLY C 63 3.41 4.39 -13.53
C GLY C 63 2.34 3.48 -12.92
N ASN C 64 1.10 3.66 -13.38
CA ASN C 64 -0.02 2.87 -12.89
C ASN C 64 -0.02 1.46 -13.40
N VAL C 65 -0.41 0.53 -12.52
CA VAL C 65 -0.50 -0.87 -12.86
C VAL C 65 -1.98 -1.24 -12.81
N ALA C 66 -2.39 -2.16 -13.66
CA ALA C 66 -3.78 -2.57 -13.72
C ALA C 66 -4.20 -3.61 -12.70
N SER C 67 -5.47 -3.56 -12.35
CA SER C 67 -6.06 -4.53 -11.46
C SER C 67 -6.83 -5.42 -12.42
N PHE C 68 -6.95 -6.70 -12.11
CA PHE C 68 -7.68 -7.56 -13.00
C PHE C 68 -8.31 -8.72 -12.27
N GLU C 69 -9.28 -9.35 -12.92
CA GLU C 69 -9.97 -10.48 -12.36
C GLU C 69 -10.27 -11.39 -13.53
N THR C 70 -10.03 -12.68 -13.33
CA THR C 70 -10.30 -13.63 -14.36
C THR C 70 -10.91 -14.85 -13.71
N ARG C 71 -11.91 -15.42 -14.37
CA ARG C 71 -12.59 -16.60 -13.86
C ARG C 71 -12.65 -17.62 -14.95
N PHE C 72 -12.42 -18.88 -14.60
CA PHE C 72 -12.51 -19.94 -15.59
C PHE C 72 -12.84 -21.25 -14.92
N SER C 73 -13.27 -22.21 -15.73
CA SER C 73 -13.59 -23.53 -15.23
C SER C 73 -12.76 -24.51 -16.01
N PHE C 74 -12.24 -25.52 -15.33
CA PHE C 74 -11.45 -26.52 -16.01
C PHE C 74 -11.83 -27.85 -15.46
N SER C 75 -11.36 -28.88 -16.13
CA SER C 75 -11.62 -30.23 -15.69
C SER C 75 -10.36 -31.02 -15.99
N ILE C 76 -9.97 -31.86 -15.05
CA ILE C 76 -8.81 -32.69 -15.23
C ILE C 76 -9.23 -34.11 -14.93
N ARG C 77 -9.24 -34.96 -15.95
CA ARG C 77 -9.61 -36.34 -15.77
C ARG C 77 -8.32 -37.16 -15.80
N GLN C 78 -8.15 -38.00 -14.79
CA GLN C 78 -6.97 -38.85 -14.67
C GLN C 78 -7.41 -40.31 -14.82
N PRO C 79 -7.48 -40.80 -16.06
CA PRO C 79 -7.88 -42.17 -16.35
C PRO C 79 -6.98 -43.21 -15.70
N PHE C 80 -5.68 -42.94 -15.69
CA PHE C 80 -4.71 -43.87 -15.15
C PHE C 80 -4.15 -43.46 -13.79
N PRO C 81 -4.78 -43.94 -12.72
CA PRO C 81 -4.34 -43.61 -11.36
C PRO C 81 -2.84 -43.85 -11.17
N ARG C 82 -2.39 -45.06 -11.47
CA ARG C 82 -0.97 -45.41 -11.34
C ARG C 82 -0.33 -45.46 -12.73
N PRO C 83 0.99 -45.20 -12.81
CA PRO C 83 1.92 -44.88 -11.73
C PRO C 83 1.82 -43.46 -11.18
N HIS C 84 1.40 -42.51 -12.02
CA HIS C 84 1.30 -41.12 -11.58
C HIS C 84 0.90 -40.19 -12.72
N PRO C 85 -0.24 -39.48 -12.57
CA PRO C 85 -0.69 -38.55 -13.61
C PRO C 85 0.26 -37.36 -13.73
N ALA C 86 0.24 -36.67 -14.87
CA ALA C 86 1.11 -35.52 -15.09
C ALA C 86 0.62 -34.70 -16.28
N ASP C 87 0.95 -33.41 -16.34
CA ASP C 87 1.74 -32.71 -15.33
C ASP C 87 0.91 -31.61 -14.63
N GLY C 88 -0.09 -31.09 -15.33
CA GLY C 88 -0.94 -30.06 -14.75
C GLY C 88 -1.13 -28.93 -15.74
N LEU C 89 -1.89 -27.91 -15.34
CA LEU C 89 -2.14 -26.77 -16.21
C LEU C 89 -1.90 -25.45 -15.45
N VAL C 90 -1.76 -24.38 -16.21
CA VAL C 90 -1.52 -23.08 -15.59
C VAL C 90 -2.21 -21.97 -16.34
N PHE C 91 -2.46 -20.88 -15.61
CA PHE C 91 -3.02 -19.68 -16.20
C PHE C 91 -1.77 -18.83 -16.15
N PHE C 92 -1.44 -18.13 -17.22
CA PHE C 92 -0.24 -17.31 -17.16
C PHE C 92 -0.31 -16.00 -17.93
N ILE C 93 0.63 -15.14 -17.58
CA ILE C 93 0.78 -13.83 -18.18
C ILE C 93 2.23 -13.81 -18.62
N ALA C 94 2.49 -13.46 -19.87
CA ALA C 94 3.85 -13.43 -20.37
C ALA C 94 3.96 -12.36 -21.46
N PRO C 95 5.19 -12.05 -21.88
CA PRO C 95 5.36 -11.02 -22.92
C PRO C 95 4.63 -11.50 -24.17
N PRO C 96 4.33 -10.58 -25.09
CA PRO C 96 3.63 -10.93 -26.32
C PRO C 96 4.49 -11.80 -27.24
N ASN C 97 3.84 -12.56 -28.11
CA ASN C 97 4.53 -13.39 -29.10
C ASN C 97 5.59 -14.35 -28.58
N THR C 98 5.31 -15.08 -27.50
CA THR C 98 6.28 -16.04 -27.00
C THR C 98 5.88 -17.37 -27.60
N GLN C 99 6.80 -18.32 -27.61
CA GLN C 99 6.51 -19.63 -28.15
C GLN C 99 6.42 -20.61 -27.01
N THR C 100 5.75 -21.73 -27.24
CA THR C 100 5.62 -22.77 -26.23
C THR C 100 6.98 -23.17 -25.71
N GLY C 101 7.10 -23.23 -24.40
CA GLY C 101 8.36 -23.62 -23.78
C GLY C 101 8.46 -25.12 -23.62
N GLU C 102 9.26 -25.55 -22.65
CA GLU C 102 9.45 -26.96 -22.39
C GLU C 102 8.19 -27.59 -21.78
N GLY C 103 7.92 -28.84 -22.16
CA GLY C 103 6.75 -29.53 -21.64
C GLY C 103 7.01 -30.12 -20.27
N GLY C 104 6.35 -31.21 -19.94
CA GLY C 104 6.55 -31.83 -18.64
C GLY C 104 6.24 -30.90 -17.48
N GLY C 105 7.08 -30.98 -16.44
CA GLY C 105 6.91 -30.16 -15.26
C GLY C 105 7.05 -28.66 -15.50
N TYR C 106 7.38 -28.26 -16.72
CA TYR C 106 7.51 -26.84 -17.03
C TYR C 106 6.23 -26.29 -17.65
N PHE C 107 5.23 -27.16 -17.79
CA PHE C 107 3.92 -26.80 -18.32
C PHE C 107 3.90 -26.13 -19.69
N GLY C 108 5.06 -25.96 -20.31
CA GLY C 108 5.11 -25.30 -21.61
C GLY C 108 5.26 -23.79 -21.49
N ILE C 109 5.58 -23.29 -20.30
CA ILE C 109 5.77 -21.85 -20.12
C ILE C 109 7.21 -21.47 -19.81
N TYR C 110 7.99 -22.44 -19.36
CA TYR C 110 9.38 -22.16 -19.04
C TYR C 110 10.30 -22.66 -20.16
N ASN C 111 11.12 -21.77 -20.68
CA ASN C 111 12.04 -22.12 -21.75
C ASN C 111 13.48 -21.98 -21.26
N PRO C 112 14.07 -23.09 -20.77
CA PRO C 112 15.45 -23.11 -20.27
C PRO C 112 16.46 -22.42 -21.18
N LEU C 113 16.26 -22.56 -22.50
CA LEU C 113 17.15 -21.95 -23.50
C LEU C 113 17.06 -20.43 -23.49
N SER C 114 15.92 -19.89 -23.93
CA SER C 114 15.70 -18.44 -23.97
C SER C 114 14.53 -18.06 -23.07
N PRO C 115 14.73 -18.08 -21.74
CA PRO C 115 13.70 -17.76 -20.75
C PRO C 115 13.07 -16.38 -20.94
N TYR C 116 11.76 -16.31 -20.73
CA TYR C 116 11.05 -15.06 -20.82
C TYR C 116 10.32 -14.94 -19.48
N PRO C 117 10.11 -13.70 -18.98
CA PRO C 117 9.43 -13.53 -17.70
C PRO C 117 7.96 -13.94 -17.78
N PHE C 118 7.39 -14.29 -16.64
CA PHE C 118 5.99 -14.68 -16.58
C PHE C 118 5.51 -14.83 -15.16
N VAL C 119 4.21 -14.61 -14.98
CA VAL C 119 3.55 -14.79 -13.70
C VAL C 119 2.51 -15.85 -14.04
N ALA C 120 2.41 -16.88 -13.22
CA ALA C 120 1.45 -17.93 -13.51
C ALA C 120 0.88 -18.55 -12.26
N VAL C 121 -0.33 -19.08 -12.39
CA VAL C 121 -0.98 -19.77 -11.30
C VAL C 121 -1.07 -21.19 -11.83
N GLU C 122 -0.45 -22.12 -11.11
CA GLU C 122 -0.44 -23.51 -11.56
C GLU C 122 -1.29 -24.43 -10.72
N PHE C 123 -1.74 -25.48 -11.37
CA PHE C 123 -2.53 -26.52 -10.76
C PHE C 123 -1.67 -27.73 -11.12
N ASP C 124 -0.73 -28.00 -10.22
CA ASP C 124 0.27 -29.04 -10.36
C ASP C 124 -0.20 -30.41 -9.91
N THR C 125 -0.04 -31.39 -10.80
CA THR C 125 -0.47 -32.75 -10.50
C THR C 125 0.66 -33.78 -10.36
N PHE C 126 1.86 -33.43 -10.78
CA PHE C 126 2.98 -34.34 -10.70
C PHE C 126 4.07 -33.77 -9.79
N ARG C 127 4.59 -34.58 -8.88
CA ARG C 127 5.62 -34.08 -7.99
C ARG C 127 7.06 -34.14 -8.50
N ASN C 128 7.57 -33.00 -8.97
CA ASN C 128 8.95 -32.95 -9.45
C ASN C 128 9.84 -32.76 -8.23
N THR C 129 11.15 -32.72 -8.44
CA THR C 129 12.09 -32.57 -7.32
C THR C 129 11.87 -31.28 -6.54
N TRP C 130 11.47 -30.21 -7.24
CA TRP C 130 11.24 -28.91 -6.64
C TRP C 130 9.83 -28.70 -6.07
N ASP C 131 9.02 -29.75 -6.11
CA ASP C 131 7.65 -29.67 -5.64
C ASP C 131 7.33 -30.28 -4.30
N PRO C 132 6.28 -29.75 -3.65
CA PRO C 132 5.80 -30.22 -2.36
C PRO C 132 4.74 -31.24 -2.77
N GLN C 133 4.01 -31.81 -1.82
CA GLN C 133 3.00 -32.80 -2.17
C GLN C 133 2.03 -32.29 -3.23
N ILE C 134 1.54 -33.22 -4.04
CA ILE C 134 0.60 -32.88 -5.10
C ILE C 134 -0.73 -33.59 -4.86
N PRO C 135 -1.82 -33.08 -5.43
CA PRO C 135 -1.85 -31.87 -6.27
C PRO C 135 -1.70 -30.62 -5.40
N HIS C 136 -1.35 -29.51 -6.04
CA HIS C 136 -1.25 -28.26 -5.30
C HIS C 136 -1.39 -27.07 -6.22
N ILE C 137 -1.88 -25.97 -5.66
CA ILE C 137 -2.03 -24.73 -6.39
C ILE C 137 -0.72 -24.03 -6.09
N GLY C 138 -0.16 -23.33 -7.07
CA GLY C 138 1.08 -22.64 -6.82
C GLY C 138 1.10 -21.31 -7.53
N ILE C 139 1.81 -20.35 -6.95
CA ILE C 139 1.94 -19.05 -7.57
C ILE C 139 3.38 -19.01 -8.07
N ASP C 140 3.51 -18.85 -9.39
CA ASP C 140 4.82 -18.85 -10.03
C ASP C 140 5.23 -17.52 -10.61
N VAL C 141 6.45 -17.10 -10.32
CA VAL C 141 6.98 -15.86 -10.84
C VAL C 141 8.32 -16.16 -11.48
N ASN C 142 8.37 -16.11 -12.80
CA ASN C 142 9.58 -16.38 -13.58
C ASN C 142 10.17 -17.76 -13.36
N SER C 143 9.44 -18.61 -12.67
CA SER C 143 9.95 -19.94 -12.40
C SER C 143 8.85 -20.87 -11.96
N VAL C 144 9.09 -22.16 -12.16
CA VAL C 144 8.15 -23.19 -11.81
C VAL C 144 8.29 -23.54 -10.32
N ILE C 145 9.30 -22.97 -9.67
CA ILE C 145 9.46 -23.19 -8.24
C ILE C 145 8.61 -22.12 -7.57
N SER C 146 7.38 -22.49 -7.24
CA SER C 146 6.40 -21.59 -6.65
C SER C 146 6.86 -20.81 -5.41
N THR C 147 6.35 -19.59 -5.29
CA THR C 147 6.66 -18.74 -4.17
C THR C 147 5.78 -19.20 -3.01
N LYS C 148 4.54 -19.55 -3.34
CA LYS C 148 3.57 -20.01 -2.37
C LYS C 148 2.89 -21.25 -2.92
N THR C 149 2.52 -22.16 -2.03
CA THR C 149 1.89 -23.42 -2.42
C THR C 149 0.81 -23.83 -1.44
N VAL C 150 -0.20 -24.52 -1.94
CA VAL C 150 -1.27 -25.02 -1.09
C VAL C 150 -1.80 -26.30 -1.73
N PRO C 151 -1.94 -27.36 -0.93
CA PRO C 151 -2.44 -28.64 -1.45
C PRO C 151 -3.95 -28.67 -1.62
N PHE C 152 -4.41 -29.47 -2.57
CA PHE C 152 -5.84 -29.61 -2.80
C PHE C 152 -6.12 -31.00 -3.34
N THR C 153 -7.32 -31.49 -3.10
CA THR C 153 -7.71 -32.79 -3.59
C THR C 153 -8.51 -32.60 -4.87
N LEU C 154 -8.04 -33.21 -5.94
CA LEU C 154 -8.70 -33.09 -7.22
C LEU C 154 -9.99 -33.87 -7.32
N ASP C 155 -10.96 -33.28 -8.01
CA ASP C 155 -12.22 -33.96 -8.23
C ASP C 155 -12.03 -34.55 -9.63
N ASN C 156 -11.55 -35.78 -9.67
CA ASN C 156 -11.26 -36.48 -10.92
C ASN C 156 -12.41 -36.42 -11.92
N GLY C 157 -12.18 -35.72 -13.03
CA GLY C 157 -13.19 -35.60 -14.05
C GLY C 157 -14.25 -34.57 -13.73
N GLY C 158 -14.26 -34.09 -12.49
CA GLY C 158 -15.24 -33.10 -12.07
C GLY C 158 -14.91 -31.72 -12.60
N ILE C 159 -15.79 -30.77 -12.32
CA ILE C 159 -15.58 -29.39 -12.77
C ILE C 159 -14.97 -28.57 -11.65
N ALA C 160 -14.02 -27.71 -12.01
CA ALA C 160 -13.39 -26.85 -11.01
C ALA C 160 -13.60 -25.40 -11.40
N ASN C 161 -13.97 -24.58 -10.43
CA ASN C 161 -14.18 -23.15 -10.66
C ASN C 161 -13.01 -22.40 -10.05
N VAL C 162 -12.44 -21.50 -10.83
CA VAL C 162 -11.30 -20.72 -10.38
C VAL C 162 -11.54 -19.23 -10.50
N VAL C 163 -11.12 -18.49 -9.48
CA VAL C 163 -11.22 -17.05 -9.49
C VAL C 163 -9.84 -16.54 -9.14
N ILE C 164 -9.27 -15.73 -10.02
CA ILE C 164 -7.97 -15.15 -9.78
C ILE C 164 -8.18 -13.65 -9.84
N LYS C 165 -7.77 -12.96 -8.78
CA LYS C 165 -7.95 -11.53 -8.70
C LYS C 165 -6.64 -10.87 -8.35
N TYR C 166 -6.35 -9.74 -8.99
CA TYR C 166 -5.14 -9.01 -8.69
C TYR C 166 -5.51 -7.58 -8.36
N ASP C 167 -5.12 -7.14 -7.17
CA ASP C 167 -5.42 -5.80 -6.71
C ASP C 167 -4.12 -5.00 -6.80
N ALA C 168 -4.03 -4.08 -7.75
CA ALA C 168 -2.82 -3.28 -7.93
C ALA C 168 -2.42 -2.45 -6.72
N SER C 169 -3.40 -1.93 -5.98
CA SER C 169 -3.09 -1.10 -4.82
C SER C 169 -2.35 -1.85 -3.71
N THR C 170 -2.68 -3.13 -3.52
CA THR C 170 -2.05 -3.92 -2.47
C THR C 170 -1.03 -4.88 -3.04
N LYS C 171 -1.08 -5.07 -4.36
CA LYS C 171 -0.19 -6.00 -5.05
C LYS C 171 -0.48 -7.42 -4.64
N ILE C 172 -1.70 -7.68 -4.21
CA ILE C 172 -2.08 -9.01 -3.79
C ILE C 172 -2.72 -9.79 -4.95
N LEU C 173 -2.21 -10.99 -5.17
CA LEU C 173 -2.73 -11.87 -6.18
C LEU C 173 -3.38 -12.98 -5.38
N HIS C 174 -4.70 -13.08 -5.43
CA HIS C 174 -5.34 -14.15 -4.68
C HIS C 174 -6.16 -15.04 -5.58
N VAL C 175 -5.99 -16.34 -5.41
CA VAL C 175 -6.72 -17.29 -6.22
C VAL C 175 -7.60 -18.18 -5.36
N VAL C 176 -8.76 -18.49 -5.90
CA VAL C 176 -9.71 -19.33 -5.22
C VAL C 176 -10.04 -20.49 -6.12
N LEU C 177 -9.99 -21.69 -5.56
CA LEU C 177 -10.31 -22.90 -6.30
C LEU C 177 -11.49 -23.57 -5.63
N VAL C 178 -12.53 -23.82 -6.40
CA VAL C 178 -13.72 -24.48 -5.84
C VAL C 178 -14.18 -25.66 -6.70
N PHE C 179 -14.46 -26.76 -6.03
CA PHE C 179 -14.96 -27.98 -6.69
C PHE C 179 -16.40 -28.08 -6.21
N PRO C 180 -17.34 -27.47 -6.94
CA PRO C 180 -18.75 -27.50 -6.55
C PRO C 180 -19.35 -28.87 -6.20
N SER C 181 -18.99 -29.92 -6.91
CA SER C 181 -19.52 -31.25 -6.59
C SER C 181 -19.11 -31.73 -5.21
N LEU C 182 -17.95 -31.29 -4.74
CA LEU C 182 -17.47 -31.69 -3.42
C LEU C 182 -17.73 -30.62 -2.38
N GLY C 183 -17.95 -29.38 -2.83
CA GLY C 183 -18.18 -28.29 -1.90
C GLY C 183 -16.89 -27.83 -1.25
N THR C 184 -15.76 -28.27 -1.80
CA THR C 184 -14.46 -27.90 -1.25
C THR C 184 -13.93 -26.57 -1.79
N ILE C 185 -13.31 -25.81 -0.90
CA ILE C 185 -12.78 -24.49 -1.23
C ILE C 185 -11.30 -24.40 -0.83
N TYR C 186 -10.48 -23.95 -1.76
CA TYR C 186 -9.05 -23.80 -1.51
C TYR C 186 -8.69 -22.37 -1.87
N THR C 187 -7.85 -21.77 -1.04
CA THR C 187 -7.46 -20.41 -1.27
C THR C 187 -5.97 -20.21 -1.06
N ILE C 188 -5.41 -19.29 -1.83
CA ILE C 188 -4.00 -18.99 -1.72
C ILE C 188 -3.77 -17.58 -2.23
N ALA C 189 -2.81 -16.88 -1.65
CA ALA C 189 -2.53 -15.51 -2.07
C ALA C 189 -1.08 -15.16 -1.85
N ASP C 190 -0.60 -14.16 -2.57
CA ASP C 190 0.77 -13.74 -2.40
C ASP C 190 0.92 -12.35 -2.97
N ILE C 191 2.03 -11.71 -2.63
CA ILE C 191 2.31 -10.37 -3.11
C ILE C 191 3.19 -10.49 -4.34
N VAL C 192 2.74 -9.88 -5.43
CA VAL C 192 3.48 -9.91 -6.69
C VAL C 192 3.42 -8.53 -7.32
N ASP C 193 4.57 -7.98 -7.65
CA ASP C 193 4.60 -6.67 -8.28
C ASP C 193 4.77 -6.90 -9.77
N LEU C 194 3.66 -6.85 -10.50
CA LEU C 194 3.68 -7.06 -11.95
C LEU C 194 4.58 -6.09 -12.69
N LYS C 195 4.67 -4.86 -12.19
CA LYS C 195 5.47 -3.83 -12.83
C LYS C 195 6.95 -4.19 -12.82
N GLN C 196 7.37 -4.98 -11.82
CA GLN C 196 8.77 -5.37 -11.70
C GLN C 196 9.10 -6.63 -12.49
N VAL C 197 8.08 -7.36 -12.88
CA VAL C 197 8.30 -8.62 -13.59
C VAL C 197 7.95 -8.66 -15.06
N LEU C 198 6.88 -7.97 -15.43
CA LEU C 198 6.41 -7.99 -16.81
C LEU C 198 6.47 -6.66 -17.54
N PRO C 199 6.48 -6.72 -18.87
CA PRO C 199 6.50 -5.51 -19.71
C PRO C 199 5.10 -4.91 -19.71
N GLU C 200 4.96 -3.67 -20.18
CA GLU C 200 3.66 -3.00 -20.20
C GLU C 200 2.53 -3.78 -20.88
N SER C 201 2.84 -4.49 -21.96
CA SER C 201 1.84 -5.27 -22.68
C SER C 201 2.15 -6.76 -22.57
N VAL C 202 1.11 -7.55 -22.38
CA VAL C 202 1.32 -8.99 -22.25
C VAL C 202 0.21 -9.80 -22.92
N ASN C 203 0.38 -11.12 -22.90
CA ASN C 203 -0.61 -12.04 -23.42
C ASN C 203 -1.10 -12.80 -22.20
N VAL C 204 -2.37 -13.16 -22.19
CA VAL C 204 -2.89 -13.92 -21.08
C VAL C 204 -3.42 -15.21 -21.66
N GLY C 205 -3.29 -16.31 -20.92
CA GLY C 205 -3.78 -17.57 -21.44
C GLY C 205 -3.54 -18.76 -20.55
N PHE C 206 -3.67 -19.95 -21.13
CA PHE C 206 -3.45 -21.18 -20.39
C PHE C 206 -2.41 -22.02 -21.09
N SER C 207 -1.84 -22.94 -20.34
CA SER C 207 -0.84 -23.85 -20.87
C SER C 207 -0.88 -25.09 -20.01
N ALA C 208 -0.64 -26.24 -20.62
CA ALA C 208 -0.65 -27.50 -19.88
C ALA C 208 0.30 -28.49 -20.54
N ALA C 209 0.60 -29.57 -19.84
CA ALA C 209 1.48 -30.58 -20.38
C ALA C 209 1.24 -31.92 -19.74
N THR C 210 1.48 -32.98 -20.51
CA THR C 210 1.33 -34.33 -20.00
C THR C 210 2.73 -34.92 -19.83
N GLY C 211 2.80 -36.11 -19.26
CA GLY C 211 4.06 -36.77 -19.01
C GLY C 211 5.09 -36.65 -20.12
N ASP C 212 6.34 -36.40 -19.72
CA ASP C 212 7.44 -36.28 -20.65
C ASP C 212 7.97 -37.69 -20.96
N PRO C 213 8.30 -37.96 -22.23
CA PRO C 213 8.81 -39.28 -22.63
C PRO C 213 9.99 -39.77 -21.77
N SER C 214 10.85 -38.83 -21.38
CA SER C 214 12.03 -39.17 -20.58
C SER C 214 11.68 -40.01 -19.35
N GLY C 215 10.44 -39.89 -18.89
CA GLY C 215 10.01 -40.64 -17.73
C GLY C 215 9.62 -42.06 -18.08
N LYS C 216 9.60 -42.38 -19.37
CA LYS C 216 9.24 -43.70 -19.82
C LYS C 216 7.94 -44.21 -19.18
N GLN C 217 6.91 -43.37 -19.15
CA GLN C 217 5.63 -43.74 -18.57
C GLN C 217 4.45 -43.18 -19.35
N ARG C 218 3.92 -43.97 -20.27
CA ARG C 218 2.78 -43.54 -21.09
C ARG C 218 1.54 -43.23 -20.27
N ASN C 219 1.48 -43.75 -19.05
CA ASN C 219 0.35 -43.53 -18.16
C ASN C 219 0.42 -42.17 -17.46
N ALA C 220 1.57 -41.51 -17.58
CA ALA C 220 1.75 -40.20 -16.97
C ALA C 220 1.03 -39.16 -17.83
N THR C 221 -0.30 -39.14 -17.72
CA THR C 221 -1.09 -38.22 -18.50
C THR C 221 -2.46 -38.01 -17.87
N GLU C 222 -3.19 -37.03 -18.39
CA GLU C 222 -4.53 -36.68 -17.90
C GLU C 222 -5.02 -35.64 -18.89
N THR C 223 -6.27 -35.22 -18.75
CA THR C 223 -6.78 -34.20 -19.65
C THR C 223 -6.57 -32.84 -18.98
N HIS C 224 -6.67 -31.78 -19.77
CA HIS C 224 -6.52 -30.44 -19.28
C HIS C 224 -7.49 -29.59 -20.09
N ASP C 225 -8.77 -29.70 -19.75
CA ASP C 225 -9.81 -28.97 -20.46
C ASP C 225 -10.25 -27.69 -19.77
N ILE C 226 -10.46 -26.65 -20.58
CA ILE C 226 -10.93 -25.37 -20.07
C ILE C 226 -12.36 -25.27 -20.61
N LEU C 227 -13.34 -25.20 -19.72
CA LEU C 227 -14.73 -25.13 -20.13
C LEU C 227 -15.23 -23.72 -20.45
N SER C 228 -14.76 -22.73 -19.68
CA SER C 228 -15.17 -21.34 -19.90
C SER C 228 -14.11 -20.39 -19.36
N TRP C 229 -14.17 -19.13 -19.78
CA TRP C 229 -13.18 -18.17 -19.35
C TRP C 229 -13.57 -16.73 -19.55
N SER C 230 -13.56 -15.95 -18.47
CA SER C 230 -13.85 -14.53 -18.54
C SER C 230 -12.66 -13.76 -17.98
N PHE C 231 -12.45 -12.55 -18.48
CA PHE C 231 -11.33 -11.74 -18.04
C PHE C 231 -11.68 -10.26 -18.04
N SER C 232 -11.21 -9.56 -17.02
CA SER C 232 -11.47 -8.14 -16.91
C SER C 232 -10.25 -7.45 -16.33
N ALA C 233 -9.94 -6.26 -16.86
CA ALA C 233 -8.79 -5.48 -16.40
C ALA C 233 -9.09 -3.99 -16.42
N SER C 234 -8.47 -3.25 -15.52
CA SER C 234 -8.66 -1.81 -15.47
C SER C 234 -7.33 -1.16 -15.17
N LEU C 235 -6.96 -0.23 -16.03
CA LEU C 235 -5.72 0.53 -15.87
C LEU C 235 -6.18 1.97 -15.70
N PRO C 236 -6.20 2.48 -14.47
CA PRO C 236 -6.62 3.86 -14.19
C PRO C 236 -5.90 4.95 -15.00
N GLY C 237 -4.90 4.55 -15.78
CA GLY C 237 -4.18 5.51 -16.59
C GLY C 237 -4.83 5.72 -17.96
N LYS D 1 3.32 -24.46 18.71
CA LYS D 1 2.05 -24.41 19.49
C LYS D 1 0.88 -24.24 18.53
N THR D 2 -0.05 -25.19 18.53
CA THR D 2 -1.20 -25.17 17.63
C THR D 2 -2.57 -25.38 18.26
N ILE D 3 -3.29 -24.31 18.54
CA ILE D 3 -4.63 -24.44 19.10
C ILE D 3 -5.53 -24.83 17.93
N SER D 4 -6.73 -25.30 18.21
CA SER D 4 -7.65 -25.71 17.15
C SER D 4 -8.95 -26.24 17.70
N PHE D 5 -10.06 -25.95 17.03
CA PHE D 5 -11.36 -26.44 17.48
C PHE D 5 -12.33 -26.53 16.32
N ASN D 6 -13.47 -27.19 16.54
CA ASN D 6 -14.45 -27.36 15.47
C ASN D 6 -15.85 -27.41 16.05
N PHE D 7 -16.85 -27.06 15.24
CA PHE D 7 -18.25 -27.06 15.65
C PHE D 7 -19.11 -27.38 14.43
N ASN D 8 -19.33 -28.68 14.18
CA ASN D 8 -20.15 -29.09 13.05
C ASN D 8 -21.59 -28.67 13.31
N GLN D 9 -21.88 -28.41 14.58
CA GLN D 9 -23.19 -27.99 15.01
C GLN D 9 -22.99 -27.43 16.41
N PHE D 10 -23.95 -26.66 16.89
CA PHE D 10 -23.84 -26.07 18.22
C PHE D 10 -24.80 -26.70 19.21
N HIS D 11 -24.34 -26.87 20.45
CA HIS D 11 -25.18 -27.45 21.48
C HIS D 11 -25.49 -26.41 22.54
N GLN D 12 -26.71 -26.42 23.08
CA GLN D 12 -27.10 -25.46 24.10
C GLN D 12 -26.21 -25.49 25.34
N ASN D 13 -25.44 -26.57 25.48
CA ASN D 13 -24.56 -26.71 26.63
C ASN D 13 -23.12 -26.29 26.36
N GLU D 14 -22.77 -26.13 25.08
CA GLU D 14 -21.41 -25.75 24.70
C GLU D 14 -20.71 -24.89 25.75
N GLU D 15 -19.81 -25.51 26.50
CA GLU D 15 -19.05 -24.83 27.54
C GLU D 15 -17.81 -24.20 26.90
N GLN D 16 -17.64 -24.46 25.61
CA GLN D 16 -16.52 -23.96 24.85
C GLN D 16 -16.79 -22.54 24.36
N LEU D 17 -18.08 -22.18 24.29
CA LEU D 17 -18.48 -20.88 23.84
C LEU D 17 -18.91 -19.99 24.98
N LYS D 18 -18.83 -18.69 24.76
CA LYS D 18 -19.24 -17.68 25.71
C LYS D 18 -20.18 -16.82 24.91
N LEU D 19 -21.47 -16.88 25.25
CA LEU D 19 -22.48 -16.10 24.54
C LEU D 19 -22.74 -14.80 25.28
N GLN D 20 -22.98 -13.72 24.55
CA GLN D 20 -23.24 -12.43 25.17
C GLN D 20 -24.47 -11.78 24.58
N ARG D 21 -25.19 -11.04 25.41
CA ARG D 21 -26.41 -10.35 24.99
C ARG D 21 -27.44 -11.30 24.38
N ASP D 22 -28.03 -10.92 23.25
CA ASP D 22 -29.05 -11.74 22.60
C ASP D 22 -28.59 -13.07 22.00
N ALA D 23 -27.30 -13.39 22.16
CA ALA D 23 -26.78 -14.62 21.62
C ALA D 23 -27.31 -15.90 22.26
N ARG D 24 -28.01 -16.72 21.48
CA ARG D 24 -28.58 -17.97 21.99
C ARG D 24 -28.53 -19.09 20.95
N ILE D 25 -28.31 -20.32 21.41
CA ILE D 25 -28.24 -21.52 20.58
C ILE D 25 -29.63 -22.15 20.50
N SER D 26 -30.16 -22.33 19.30
CA SER D 26 -31.49 -22.91 19.14
C SER D 26 -31.50 -24.41 19.41
N SER D 27 -32.68 -25.01 19.26
CA SER D 27 -32.87 -26.43 19.47
C SER D 27 -32.23 -27.17 18.30
N ASN D 28 -32.33 -26.56 17.11
CA ASN D 28 -31.77 -27.12 15.89
C ASN D 28 -30.25 -27.14 15.92
N SER D 29 -29.67 -26.58 16.97
CA SER D 29 -28.21 -26.54 17.13
C SER D 29 -27.53 -25.46 16.29
N VAL D 30 -28.26 -24.39 15.96
CA VAL D 30 -27.68 -23.29 15.21
C VAL D 30 -27.42 -22.14 16.18
N LEU D 31 -26.34 -21.40 15.95
CA LEU D 31 -25.98 -20.27 16.78
C LEU D 31 -26.68 -19.05 16.24
N GLU D 32 -27.71 -18.57 16.95
CA GLU D 32 -28.45 -17.39 16.54
C GLU D 32 -27.87 -16.19 17.26
N LEU D 33 -27.06 -15.42 16.55
CA LEU D 33 -26.43 -14.24 17.14
C LEU D 33 -27.44 -13.19 17.59
N THR D 34 -28.46 -12.95 16.77
CA THR D 34 -29.46 -11.96 17.12
C THR D 34 -30.82 -12.61 17.36
N LYS D 35 -31.62 -11.97 18.21
CA LYS D 35 -32.94 -12.48 18.60
C LYS D 35 -34.00 -12.71 17.53
N VAL D 36 -34.45 -13.96 17.44
CA VAL D 36 -35.51 -14.35 16.52
C VAL D 36 -36.65 -14.78 17.45
N VAL D 37 -37.81 -14.14 17.34
CA VAL D 37 -38.95 -14.47 18.20
C VAL D 37 -40.03 -15.23 17.43
N ASN D 38 -40.17 -16.52 17.74
CA ASN D 38 -41.15 -17.37 17.07
C ASN D 38 -41.02 -17.29 15.55
N GLY D 39 -39.84 -17.66 15.06
CA GLY D 39 -39.54 -17.66 13.63
C GLY D 39 -39.41 -16.31 12.97
N VAL D 40 -39.47 -15.23 13.75
CA VAL D 40 -39.37 -13.89 13.18
C VAL D 40 -38.24 -13.08 13.82
N PRO D 41 -37.32 -12.55 12.99
CA PRO D 41 -36.20 -11.78 13.52
C PRO D 41 -36.69 -10.43 14.03
N THR D 42 -36.18 -10.03 15.21
CA THR D 42 -36.58 -8.78 15.81
C THR D 42 -35.52 -7.69 15.65
N TRP D 43 -35.93 -6.43 15.81
CA TRP D 43 -34.99 -5.32 15.68
C TRP D 43 -34.38 -5.06 17.05
N ASN D 44 -33.57 -4.00 17.16
CA ASN D 44 -32.94 -3.63 18.42
C ASN D 44 -32.25 -4.82 19.09
N SER D 45 -31.59 -5.66 18.29
CA SER D 45 -30.90 -6.82 18.85
C SER D 45 -29.40 -6.84 18.56
N THR D 46 -28.65 -7.31 19.54
CA THR D 46 -27.21 -7.41 19.42
C THR D 46 -26.74 -8.64 20.18
N GLY D 47 -25.80 -9.38 19.60
CA GLY D 47 -25.31 -10.57 20.26
C GLY D 47 -23.95 -10.97 19.75
N ARG D 48 -23.17 -11.63 20.60
CA ARG D 48 -21.84 -12.08 20.25
C ARG D 48 -21.62 -13.48 20.79
N ALA D 49 -20.66 -14.18 20.21
CA ALA D 49 -20.30 -15.52 20.61
C ALA D 49 -18.79 -15.59 20.50
N LEU D 50 -18.11 -15.81 21.62
CA LEU D 50 -16.65 -15.89 21.61
C LEU D 50 -16.20 -17.28 22.01
N TYR D 51 -15.07 -17.72 21.47
CA TYR D 51 -14.54 -19.02 21.86
C TYR D 51 -14.11 -18.75 23.30
N ALA D 52 -14.50 -19.62 24.23
CA ALA D 52 -14.20 -19.43 25.65
C ALA D 52 -12.73 -19.21 26.01
N LYS D 53 -11.83 -19.95 25.39
CA LYS D 53 -10.41 -19.82 25.69
C LYS D 53 -9.71 -18.82 24.79
N PRO D 54 -8.75 -18.05 25.34
CA PRO D 54 -8.02 -17.07 24.54
C PRO D 54 -6.99 -17.75 23.65
N VAL D 55 -6.72 -17.15 22.50
CA VAL D 55 -5.74 -17.70 21.57
C VAL D 55 -4.58 -16.71 21.46
N GLN D 56 -3.38 -17.23 21.30
CA GLN D 56 -2.22 -16.37 21.21
C GLN D 56 -1.87 -16.15 19.75
N VAL D 57 -2.06 -14.93 19.26
CA VAL D 57 -1.75 -14.64 17.86
C VAL D 57 -0.29 -14.28 17.65
N TRP D 58 0.38 -13.79 18.67
CA TRP D 58 1.80 -13.50 18.56
C TRP D 58 2.51 -13.54 19.91
N ASP D 59 3.83 -13.76 19.85
CA ASP D 59 4.65 -13.86 21.05
C ASP D 59 5.69 -12.75 21.06
N SER D 60 5.71 -11.95 22.12
CA SER D 60 6.64 -10.83 22.24
C SER D 60 8.08 -11.28 22.48
N THR D 61 8.23 -12.52 22.92
CA THR D 61 9.57 -13.07 23.18
C THR D 61 10.31 -13.34 21.88
N THR D 62 9.62 -14.01 20.96
CA THR D 62 10.21 -14.36 19.66
C THR D 62 9.89 -13.34 18.57
N GLY D 63 8.78 -12.63 18.74
CA GLY D 63 8.38 -11.65 17.75
C GLY D 63 7.53 -12.28 16.65
N ASN D 64 7.38 -13.59 16.74
CA ASN D 64 6.60 -14.35 15.76
C ASN D 64 5.10 -14.12 15.88
N VAL D 65 4.44 -14.06 14.73
CA VAL D 65 3.00 -13.87 14.67
C VAL D 65 2.44 -15.17 14.09
N ALA D 66 1.25 -15.54 14.54
CA ALA D 66 0.61 -16.77 14.09
C ALA D 66 -0.13 -16.64 12.78
N SER D 67 -0.22 -17.77 12.08
CA SER D 67 -0.95 -17.86 10.83
C SER D 67 -2.18 -18.60 11.27
N PHE D 68 -3.31 -18.34 10.64
CA PHE D 68 -4.51 -19.04 11.04
C PHE D 68 -5.48 -19.18 9.88
N GLU D 69 -6.44 -20.07 10.06
CA GLU D 69 -7.46 -20.31 9.06
C GLU D 69 -8.70 -20.63 9.85
N THR D 70 -9.83 -20.08 9.42
CA THR D 70 -11.07 -20.35 10.08
C THR D 70 -12.12 -20.47 8.99
N ARG D 71 -13.03 -21.41 9.16
CA ARG D 71 -14.09 -21.64 8.20
C ARG D 71 -15.39 -21.73 8.96
N PHE D 72 -16.44 -21.13 8.39
CA PHE D 72 -17.73 -21.18 9.02
C PHE D 72 -18.82 -21.01 8.00
N SER D 73 -20.04 -21.37 8.39
CA SER D 73 -21.18 -21.25 7.51
C SER D 73 -22.21 -20.44 8.25
N PHE D 74 -22.85 -19.53 7.55
CA PHE D 74 -23.87 -18.72 8.18
C PHE D 74 -25.03 -18.62 7.23
N SER D 75 -26.13 -18.09 7.75
CA SER D 75 -27.30 -17.89 6.93
C SER D 75 -27.92 -16.59 7.40
N ILE D 76 -28.36 -15.79 6.45
CA ILE D 76 -29.00 -14.53 6.76
C ILE D 76 -30.31 -14.53 6.01
N ARG D 77 -31.41 -14.56 6.76
CA ARG D 77 -32.73 -14.55 6.16
C ARG D 77 -33.30 -13.15 6.36
N GLN D 78 -33.75 -12.54 5.28
CA GLN D 78 -34.32 -11.21 5.32
C GLN D 78 -35.80 -11.30 4.97
N PRO D 79 -36.65 -11.53 5.98
CA PRO D 79 -38.10 -11.65 5.80
C PRO D 79 -38.74 -10.39 5.21
N PHE D 80 -38.25 -9.24 5.66
CA PHE D 80 -38.80 -7.96 5.23
C PHE D 80 -37.92 -7.19 4.23
N PRO D 81 -38.18 -7.36 2.93
CA PRO D 81 -37.47 -6.73 1.82
C PRO D 81 -37.49 -5.20 1.89
N ARG D 82 -38.45 -4.67 2.64
CA ARG D 82 -38.59 -3.22 2.80
C ARG D 82 -38.80 -2.88 4.27
N PRO D 83 -38.32 -1.71 4.70
CA PRO D 83 -37.64 -0.76 3.83
C PRO D 83 -36.17 -1.11 3.59
N HIS D 84 -35.53 -1.70 4.58
CA HIS D 84 -34.11 -2.06 4.50
C HIS D 84 -33.67 -3.01 5.60
N PRO D 85 -33.15 -4.19 5.24
CA PRO D 85 -32.70 -5.12 6.29
C PRO D 85 -31.45 -4.54 6.97
N ALA D 86 -31.15 -5.00 8.18
CA ALA D 86 -29.98 -4.50 8.92
C ALA D 86 -29.64 -5.46 10.07
N ASP D 87 -28.39 -5.48 10.53
CA ASP D 87 -27.29 -4.67 10.00
C ASP D 87 -26.20 -5.52 9.38
N GLY D 88 -26.06 -6.76 9.84
CA GLY D 88 -25.06 -7.65 9.30
C GLY D 88 -24.32 -8.35 10.41
N LEU D 89 -23.37 -9.22 10.06
CA LEU D 89 -22.60 -9.94 11.07
C LEU D 89 -21.12 -9.86 10.75
N VAL D 90 -20.29 -10.16 11.76
CA VAL D 90 -18.85 -10.11 11.56
C VAL D 90 -18.14 -11.20 12.33
N PHE D 91 -16.96 -11.55 11.83
CA PHE D 91 -16.10 -12.49 12.50
C PHE D 91 -15.07 -11.51 13.03
N PHE D 92 -14.67 -11.63 14.29
CA PHE D 92 -13.70 -10.69 14.78
C PHE D 92 -12.70 -11.23 15.78
N ILE D 93 -11.61 -10.50 15.92
CA ILE D 93 -10.54 -10.82 16.86
C ILE D 93 -10.40 -9.56 17.70
N ALA D 94 -10.42 -9.72 19.01
CA ALA D 94 -10.32 -8.58 19.91
C ALA D 94 -9.61 -8.98 21.19
N PRO D 95 -9.25 -8.01 22.03
CA PRO D 95 -8.56 -8.34 23.28
C PRO D 95 -9.50 -9.20 24.12
N PRO D 96 -8.95 -9.93 25.09
CA PRO D 96 -9.77 -10.78 25.95
C PRO D 96 -10.72 -9.98 26.86
N ASN D 97 -11.81 -10.63 27.26
CA ASN D 97 -12.76 -10.02 28.18
C ASN D 97 -13.32 -8.66 27.79
N THR D 98 -13.74 -8.50 26.54
CA THR D 98 -14.34 -7.22 26.13
C THR D 98 -15.85 -7.42 26.24
N GLN D 99 -16.59 -6.32 26.33
CA GLN D 99 -18.04 -6.44 26.42
C GLN D 99 -18.66 -5.93 25.13
N THR D 100 -19.84 -6.44 24.81
CA THR D 100 -20.54 -6.04 23.61
C THR D 100 -20.53 -4.53 23.44
N GLY D 101 -20.17 -4.08 22.24
CA GLY D 101 -20.14 -2.67 21.96
C GLY D 101 -21.50 -2.18 21.50
N GLU D 102 -21.50 -1.09 20.73
CA GLU D 102 -22.72 -0.51 20.20
C GLU D 102 -23.33 -1.41 19.12
N GLY D 103 -24.67 -1.45 19.09
CA GLY D 103 -25.35 -2.25 18.08
C GLY D 103 -25.44 -1.52 16.75
N GLY D 104 -26.50 -1.79 16.00
CA GLY D 104 -26.68 -1.14 14.72
C GLY D 104 -25.51 -1.37 13.76
N GLY D 105 -25.13 -0.31 13.06
CA GLY D 105 -24.03 -0.40 12.11
C GLY D 105 -22.68 -0.70 12.70
N TYR D 106 -22.60 -0.76 14.03
CA TYR D 106 -21.33 -1.06 14.69
C TYR D 106 -21.21 -2.54 15.02
N PHE D 107 -22.23 -3.30 14.64
CA PHE D 107 -22.26 -4.76 14.83
C PHE D 107 -22.04 -5.27 16.25
N GLY D 108 -21.88 -4.37 17.21
CA GLY D 108 -21.64 -4.81 18.58
C GLY D 108 -20.16 -5.00 18.88
N ILE D 109 -19.28 -4.52 17.99
CA ILE D 109 -17.85 -4.65 18.24
C ILE D 109 -17.16 -3.32 18.46
N TYR D 110 -17.81 -2.24 18.04
CA TYR D 110 -17.22 -0.91 18.23
C TYR D 110 -17.87 -0.20 19.40
N ASN D 111 -17.04 0.24 20.35
CA ASN D 111 -17.54 0.93 21.53
C ASN D 111 -17.02 2.36 21.53
N PRO D 112 -17.81 3.31 20.99
CA PRO D 112 -17.46 4.73 20.90
C PRO D 112 -16.94 5.31 22.22
N LEU D 113 -17.63 4.98 23.29
CA LEU D 113 -17.23 5.47 24.60
C LEU D 113 -15.82 4.95 24.88
N SER D 114 -15.72 3.64 25.10
CA SER D 114 -14.45 3.00 25.40
C SER D 114 -14.04 2.00 24.32
N PRO D 115 -13.34 2.47 23.28
CA PRO D 115 -12.88 1.66 22.15
C PRO D 115 -11.74 0.69 22.47
N TYR D 116 -11.83 -0.51 21.91
CA TYR D 116 -10.79 -1.50 22.06
C TYR D 116 -10.40 -1.90 20.64
N PRO D 117 -9.11 -2.25 20.42
CA PRO D 117 -8.68 -2.64 19.08
C PRO D 117 -9.33 -3.94 18.61
N PHE D 118 -9.41 -4.12 17.30
CA PHE D 118 -10.00 -5.31 16.74
C PHE D 118 -9.80 -5.40 15.24
N VAL D 119 -9.78 -6.63 14.74
CA VAL D 119 -9.66 -6.90 13.32
C VAL D 119 -10.92 -7.69 13.07
N ALA D 120 -11.67 -7.33 12.04
CA ALA D 120 -12.90 -8.05 11.77
C ALA D 120 -13.22 -8.14 10.29
N VAL D 121 -13.98 -9.17 9.93
CA VAL D 121 -14.40 -9.36 8.56
C VAL D 121 -15.90 -9.24 8.67
N GLU D 122 -16.46 -8.27 7.96
CA GLU D 122 -17.88 -8.01 8.05
C GLU D 122 -18.63 -8.39 6.81
N PHE D 123 -19.90 -8.72 7.02
CA PHE D 123 -20.82 -9.06 5.96
C PHE D 123 -21.91 -8.04 6.27
N ASP D 124 -21.74 -6.88 5.65
CA ASP D 124 -22.60 -5.73 5.83
C ASP D 124 -23.84 -5.71 4.95
N THR D 125 -24.99 -5.54 5.58
CA THR D 125 -26.27 -5.55 4.87
C THR D 125 -27.02 -4.21 4.84
N PHE D 126 -26.61 -3.28 5.68
CA PHE D 126 -27.25 -1.96 5.72
C PHE D 126 -26.27 -0.86 5.33
N ARG D 127 -26.68 0.04 4.46
CA ARG D 127 -25.76 1.09 4.06
C ARG D 127 -25.76 2.33 4.96
N ASN D 128 -24.74 2.43 5.81
CA ASN D 128 -24.58 3.59 6.68
C ASN D 128 -23.89 4.68 5.85
N THR D 129 -23.70 5.86 6.44
CA THR D 129 -23.05 6.97 5.74
C THR D 129 -21.64 6.65 5.26
N TRP D 130 -20.92 5.85 6.04
CA TRP D 130 -19.54 5.47 5.72
C TRP D 130 -19.42 4.23 4.81
N ASP D 131 -20.57 3.71 4.37
CA ASP D 131 -20.58 2.51 3.53
C ASP D 131 -20.80 2.69 2.06
N PRO D 132 -20.29 1.73 1.28
CA PRO D 132 -20.43 1.71 -0.17
C PRO D 132 -21.70 0.85 -0.36
N GLN D 133 -22.04 0.53 -1.59
CA GLN D 133 -23.23 -0.27 -1.88
C GLN D 133 -23.28 -1.54 -1.02
N ILE D 134 -24.47 -1.96 -0.60
CA ILE D 134 -24.62 -3.18 0.17
C ILE D 134 -25.42 -4.22 -0.62
N PRO D 135 -25.28 -5.51 -0.29
CA PRO D 135 -24.41 -6.02 0.77
C PRO D 135 -22.96 -5.98 0.31
N HIS D 136 -22.04 -6.07 1.26
CA HIS D 136 -20.63 -6.11 0.90
C HIS D 136 -19.82 -6.77 2.00
N ILE D 137 -18.68 -7.35 1.57
CA ILE D 137 -17.77 -7.96 2.52
C ILE D 137 -16.81 -6.83 2.81
N GLY D 138 -16.35 -6.73 4.04
CA GLY D 138 -15.41 -5.67 4.36
C GLY D 138 -14.36 -6.13 5.33
N ILE D 139 -13.18 -5.55 5.24
CA ILE D 139 -12.12 -5.89 6.15
C ILE D 139 -12.00 -4.68 7.05
N ASP D 140 -12.22 -4.89 8.35
CA ASP D 140 -12.18 -3.82 9.34
C ASP D 140 -11.03 -3.90 10.33
N VAL D 141 -10.35 -2.78 10.50
CA VAL D 141 -9.24 -2.72 11.44
C VAL D 141 -9.50 -1.54 12.37
N ASN D 142 -9.85 -1.85 13.63
CA ASN D 142 -10.12 -0.82 14.64
C ASN D 142 -11.26 0.12 14.28
N SER D 143 -11.99 -0.20 13.22
CA SER D 143 -13.07 0.67 12.83
C SER D 143 -14.00 -0.03 11.86
N VAL D 144 -15.23 0.46 11.82
CA VAL D 144 -16.24 -0.09 10.94
C VAL D 144 -16.10 0.50 9.53
N ILE D 145 -15.19 1.45 9.37
CA ILE D 145 -14.95 2.02 8.05
C ILE D 145 -13.89 1.12 7.40
N SER D 146 -14.36 0.14 6.65
CA SER D 146 -13.50 -0.86 6.01
C SER D 146 -12.33 -0.31 5.23
N THR D 147 -11.24 -1.07 5.24
CA THR D 147 -10.05 -0.70 4.51
C THR D 147 -10.28 -1.15 3.07
N LYS D 148 -10.90 -2.31 2.91
CA LYS D 148 -11.21 -2.87 1.60
C LYS D 148 -12.64 -3.34 1.62
N THR D 149 -13.30 -3.26 0.46
CA THR D 149 -14.70 -3.64 0.34
C THR D 149 -14.96 -4.32 -0.99
N VAL D 150 -15.93 -5.22 -1.00
CA VAL D 150 -16.33 -5.90 -2.22
C VAL D 150 -17.81 -6.25 -2.09
N PRO D 151 -18.60 -5.92 -3.12
CA PRO D 151 -20.03 -6.20 -3.10
C PRO D 151 -20.36 -7.66 -3.41
N PHE D 152 -21.47 -8.13 -2.85
CA PHE D 152 -21.91 -9.50 -3.10
C PHE D 152 -23.43 -9.56 -3.00
N THR D 153 -24.02 -10.50 -3.72
CA THR D 153 -25.45 -10.66 -3.70
C THR D 153 -25.79 -11.77 -2.72
N LEU D 154 -26.61 -11.43 -1.72
CA LEU D 154 -26.99 -12.38 -0.71
C LEU D 154 -27.97 -13.45 -1.18
N ASP D 155 -27.77 -14.67 -0.71
CA ASP D 155 -28.68 -15.75 -1.03
C ASP D 155 -29.62 -15.76 0.18
N ASN D 156 -30.72 -15.01 0.05
CA ASN D 156 -31.70 -14.90 1.12
C ASN D 156 -32.12 -16.23 1.74
N GLY D 157 -31.74 -16.44 2.99
CA GLY D 157 -32.10 -17.67 3.68
C GLY D 157 -31.21 -18.83 3.30
N GLY D 158 -30.42 -18.67 2.25
CA GLY D 158 -29.52 -19.74 1.82
C GLY D 158 -28.32 -19.88 2.74
N ILE D 159 -27.49 -20.87 2.46
CA ILE D 159 -26.29 -21.11 3.25
C ILE D 159 -25.07 -20.47 2.60
N ALA D 160 -24.21 -19.87 3.41
CA ALA D 160 -23.02 -19.24 2.89
C ALA D 160 -21.79 -19.88 3.52
N ASN D 161 -20.79 -20.19 2.70
CA ASN D 161 -19.55 -20.78 3.21
C ASN D 161 -18.48 -19.71 3.17
N VAL D 162 -17.76 -19.59 4.28
CA VAL D 162 -16.71 -18.59 4.37
C VAL D 162 -15.40 -19.22 4.78
N VAL D 163 -14.33 -18.74 4.16
CA VAL D 163 -13.00 -19.20 4.47
C VAL D 163 -12.18 -17.95 4.70
N ILE D 164 -11.58 -17.83 5.87
CA ILE D 164 -10.75 -16.69 6.17
C ILE D 164 -9.39 -17.27 6.52
N LYS D 165 -8.37 -16.80 5.85
CA LYS D 165 -7.03 -17.29 6.05
C LYS D 165 -6.07 -16.13 6.27
N TYR D 166 -5.15 -16.29 7.21
CA TYR D 166 -4.18 -15.25 7.47
C TYR D 166 -2.79 -15.86 7.39
N ASP D 167 -1.97 -15.31 6.53
CA ASP D 167 -0.62 -15.79 6.33
C ASP D 167 0.32 -14.79 7.00
N ALA D 168 0.91 -15.17 8.13
CA ALA D 168 1.80 -14.28 8.85
C ALA D 168 3.01 -13.80 8.03
N SER D 169 3.58 -14.66 7.19
CA SER D 169 4.74 -14.30 6.42
C SER D 169 4.49 -13.17 5.43
N THR D 170 3.29 -13.13 4.85
CA THR D 170 2.96 -12.09 3.89
C THR D 170 2.03 -11.03 4.48
N LYS D 171 1.47 -11.35 5.65
CA LYS D 171 0.54 -10.45 6.33
C LYS D 171 -0.73 -10.28 5.52
N ILE D 172 -1.03 -11.26 4.68
CA ILE D 172 -2.23 -11.19 3.87
C ILE D 172 -3.39 -11.87 4.56
N LEU D 173 -4.50 -11.15 4.62
CA LEU D 173 -5.72 -11.69 5.20
C LEU D 173 -6.63 -11.83 3.99
N HIS D 174 -6.96 -13.07 3.61
CA HIS D 174 -7.85 -13.23 2.48
C HIS D 174 -9.10 -14.00 2.87
N VAL D 175 -10.25 -13.48 2.44
CA VAL D 175 -11.51 -14.12 2.76
C VAL D 175 -12.23 -14.51 1.49
N VAL D 176 -12.88 -15.67 1.54
CA VAL D 176 -13.62 -16.19 0.42
C VAL D 176 -15.03 -16.44 0.89
N LEU D 177 -15.99 -15.99 0.09
CA LEU D 177 -17.39 -16.18 0.40
C LEU D 177 -18.01 -16.96 -0.75
N VAL D 178 -18.67 -18.07 -0.41
CA VAL D 178 -19.30 -18.87 -1.45
C VAL D 178 -20.72 -19.23 -1.06
N PHE D 179 -21.62 -19.07 -2.03
CA PHE D 179 -23.04 -19.40 -1.85
C PHE D 179 -23.24 -20.61 -2.75
N PRO D 180 -23.04 -21.82 -2.21
CA PRO D 180 -23.20 -23.06 -2.99
C PRO D 180 -24.47 -23.20 -3.83
N SER D 181 -25.61 -22.77 -3.31
CA SER D 181 -26.86 -22.87 -4.07
C SER D 181 -26.82 -22.03 -5.35
N LEU D 182 -26.07 -20.94 -5.33
CA LEU D 182 -25.98 -20.07 -6.50
C LEU D 182 -24.71 -20.32 -7.29
N GLY D 183 -23.71 -20.92 -6.63
CA GLY D 183 -22.46 -21.18 -7.29
C GLY D 183 -21.61 -19.92 -7.40
N THR D 184 -22.00 -18.88 -6.68
CA THR D 184 -21.28 -17.63 -6.71
C THR D 184 -20.10 -17.59 -5.74
N ILE D 185 -19.02 -16.97 -6.20
CA ILE D 185 -17.80 -16.86 -5.41
C ILE D 185 -17.37 -15.40 -5.31
N TYR D 186 -17.05 -14.99 -4.09
CA TYR D 186 -16.60 -13.63 -3.85
C TYR D 186 -15.30 -13.71 -3.07
N THR D 187 -14.35 -12.88 -3.46
CA THR D 187 -13.07 -12.89 -2.80
C THR D 187 -12.57 -11.49 -2.50
N ILE D 188 -11.85 -11.36 -1.40
CA ILE D 188 -11.30 -10.08 -0.99
C ILE D 188 -10.08 -10.33 -0.11
N ALA D 189 -9.09 -9.47 -0.21
CA ALA D 189 -7.89 -9.64 0.58
C ALA D 189 -7.28 -8.29 0.90
N ASP D 190 -6.48 -8.24 1.96
CA ASP D 190 -5.79 -7.02 2.31
C ASP D 190 -4.62 -7.36 3.20
N ILE D 191 -3.73 -6.39 3.38
CA ILE D 191 -2.57 -6.58 4.22
C ILE D 191 -2.90 -6.02 5.60
N VAL D 192 -2.72 -6.85 6.62
CA VAL D 192 -3.00 -6.45 7.99
C VAL D 192 -1.91 -7.00 8.89
N ASP D 193 -1.29 -6.11 9.67
CA ASP D 193 -0.25 -6.54 10.58
C ASP D 193 -0.88 -6.71 11.96
N LEU D 194 -1.24 -7.94 12.31
CA LEU D 194 -1.86 -8.22 13.60
C LEU D 194 -1.02 -7.79 14.80
N LYS D 195 0.30 -7.89 14.65
CA LYS D 195 1.21 -7.53 15.72
C LYS D 195 1.12 -6.04 16.07
N GLN D 196 0.76 -5.21 15.09
CA GLN D 196 0.66 -3.77 15.30
C GLN D 196 -0.69 -3.35 15.82
N VAL D 197 -1.68 -4.22 15.70
CA VAL D 197 -3.03 -3.88 16.12
C VAL D 197 -3.56 -4.57 17.37
N LEU D 198 -3.22 -5.83 17.55
CA LEU D 198 -3.72 -6.59 18.68
C LEU D 198 -2.69 -7.05 19.69
N PRO D 199 -3.14 -7.34 20.90
CA PRO D 199 -2.24 -7.81 21.98
C PRO D 199 -1.92 -9.29 21.70
N GLU D 200 -0.92 -9.83 22.39
CA GLU D 200 -0.50 -11.22 22.18
C GLU D 200 -1.62 -12.24 22.28
N SER D 201 -2.54 -12.05 23.21
CA SER D 201 -3.67 -12.97 23.38
C SER D 201 -4.98 -12.30 23.02
N VAL D 202 -5.85 -13.02 22.34
CA VAL D 202 -7.13 -12.46 21.94
C VAL D 202 -8.26 -13.47 22.03
N ASN D 203 -9.47 -12.99 21.74
CA ASN D 203 -10.65 -13.82 21.72
C ASN D 203 -11.09 -13.79 20.26
N VAL D 204 -11.63 -14.90 19.78
CA VAL D 204 -12.11 -14.92 18.41
C VAL D 204 -13.58 -15.26 18.49
N GLY D 205 -14.37 -14.69 17.60
CA GLY D 205 -15.79 -14.97 17.62
C GLY D 205 -16.61 -14.23 16.59
N PHE D 206 -17.93 -14.22 16.80
CA PHE D 206 -18.84 -13.54 15.89
C PHE D 206 -19.66 -12.53 16.64
N SER D 207 -20.21 -11.57 15.90
CA SER D 207 -21.05 -10.55 16.47
C SER D 207 -21.97 -10.08 15.37
N ALA D 208 -23.20 -9.75 15.73
CA ALA D 208 -24.16 -9.28 14.74
C ALA D 208 -25.11 -8.31 15.39
N ALA D 209 -25.90 -7.61 14.58
CA ALA D 209 -26.84 -6.65 15.11
C ALA D 209 -27.95 -6.39 14.12
N THR D 210 -29.14 -6.09 14.64
CA THR D 210 -30.29 -5.79 13.80
C THR D 210 -30.55 -4.29 13.94
N GLY D 211 -31.47 -3.79 13.12
CA GLY D 211 -31.82 -2.38 13.12
C GLY D 211 -31.88 -1.71 14.48
N ASP D 212 -31.31 -0.51 14.54
CA ASP D 212 -31.30 0.28 15.78
C ASP D 212 -32.62 1.05 15.88
N PRO D 213 -33.20 1.12 17.09
CA PRO D 213 -34.47 1.83 17.30
C PRO D 213 -34.49 3.25 16.75
N SER D 214 -33.35 3.94 16.85
CA SER D 214 -33.23 5.32 16.38
C SER D 214 -33.70 5.48 14.95
N GLY D 215 -33.66 4.39 14.19
CA GLY D 215 -34.11 4.44 12.79
C GLY D 215 -35.62 4.31 12.70
N LYS D 216 -36.23 4.00 13.85
CA LYS D 216 -37.69 3.81 14.01
C LYS D 216 -38.31 2.87 12.97
N GLN D 217 -37.55 1.87 12.54
CA GLN D 217 -37.98 0.90 11.54
C GLN D 217 -37.89 -0.54 12.04
N ARG D 218 -38.99 -1.07 12.54
CA ARG D 218 -39.01 -2.44 13.05
C ARG D 218 -38.68 -3.49 12.00
N ASN D 219 -38.83 -3.12 10.72
CA ASN D 219 -38.54 -4.03 9.62
C ASN D 219 -37.05 -4.12 9.33
N ALA D 220 -36.27 -3.23 9.94
CA ALA D 220 -34.83 -3.23 9.76
C ALA D 220 -34.23 -4.37 10.57
N THR D 221 -34.38 -5.59 10.06
CA THR D 221 -33.88 -6.76 10.76
C THR D 221 -33.74 -7.94 9.83
N GLU D 222 -33.08 -8.97 10.32
CA GLU D 222 -32.83 -10.20 9.56
C GLU D 222 -32.24 -11.16 10.57
N THR D 223 -32.00 -12.40 10.18
CA THR D 223 -31.39 -13.35 11.11
C THR D 223 -29.89 -13.33 10.86
N HIS D 224 -29.14 -13.84 11.81
CA HIS D 224 -27.69 -13.91 11.71
C HIS D 224 -27.29 -15.22 12.37
N ASP D 225 -27.52 -16.32 11.65
CA ASP D 225 -27.22 -17.64 12.18
C ASP D 225 -25.89 -18.19 11.72
N ILE D 226 -25.19 -18.84 12.66
CA ILE D 226 -23.91 -19.48 12.35
C ILE D 226 -24.19 -20.98 12.44
N LEU D 227 -24.06 -21.69 11.32
CA LEU D 227 -24.33 -23.13 11.31
C LEU D 227 -23.17 -23.99 11.80
N SER D 228 -21.95 -23.62 11.45
CA SER D 228 -20.78 -24.40 11.88
C SER D 228 -19.55 -23.50 11.93
N TRP D 229 -18.50 -23.97 12.62
CA TRP D 229 -17.31 -23.16 12.74
C TRP D 229 -16.07 -23.93 13.15
N SER D 230 -15.01 -23.83 12.35
CA SER D 230 -13.75 -24.48 12.67
C SER D 230 -12.66 -23.42 12.68
N PHE D 231 -11.67 -23.61 13.53
CA PHE D 231 -10.61 -22.63 13.65
C PHE D 231 -9.30 -23.36 13.83
N SER D 232 -8.24 -22.79 13.29
CA SER D 232 -6.94 -23.42 13.41
C SER D 232 -5.86 -22.36 13.33
N ALA D 233 -5.11 -22.23 14.42
CA ALA D 233 -4.03 -21.26 14.48
C ALA D 233 -2.76 -21.99 14.86
N SER D 234 -1.63 -21.47 14.41
CA SER D 234 -0.34 -22.10 14.69
C SER D 234 0.73 -21.03 14.84
N LEU D 235 1.38 -21.02 16.00
CA LEU D 235 2.43 -20.05 16.30
C LEU D 235 3.76 -20.79 16.48
N PRO D 236 4.72 -20.56 15.58
CA PRO D 236 6.05 -21.18 15.61
C PRO D 236 6.74 -21.32 16.98
N GLY D 237 6.26 -20.59 17.99
CA GLY D 237 6.87 -20.67 19.30
C GLY D 237 5.87 -20.72 20.45
#